data_1ZPT
#
_entry.id   1ZPT
#
_cell.length_a   103.613
_cell.length_b   127.735
_cell.length_c   97.831
_cell.angle_alpha   90.00
_cell.angle_beta   121.73
_cell.angle_gamma   90.00
#
_symmetry.space_group_name_H-M   'C 1 2 1'
#
loop_
_entity.id
_entity.type
_entity.pdbx_description
1 polymer '5,10-methylenetetrahydrofolate reductase'
2 non-polymer 'SULFATE ION'
3 non-polymer 'FLAVIN-ADENINE DINUCLEOTIDE'
4 non-polymer '1,4-DIHYDRONICOTINAMIDE ADENINE DINUCLEOTIDE'
5 water water
#
_entity_poly.entity_id   1
_entity_poly.type   'polypeptide(L)'
_entity_poly.pdbx_seq_one_letter_code
;MSFFHASQRDALNQSLAEVQGQINVSFEFFPPRTSEMEQTLWNSIDRLSSLKPKFVSVTYGANSGERDRTHSIIKGIKDR
TGLEAAPHLTCIDATPDELRTIARDYWNNGIRHIVALRGDLPPGSGKPEMYASDLVTLLKEVADFDISVAAYPEVHPEAK
SAQADLLNLKRKVDAGANRAITQFFFDVESYLRFRDRCVSAGIDVEIIPGILPVSNFKQAKKFADMTNVRIPAWMAQMFD
GLDDDAETRKLVGANIAMDMVKILSREGVKDFHFYTLNRAEMSYAICHTLGVRPGLLEHHHHHH
;
_entity_poly.pdbx_strand_id   A,B,C
#
loop_
_chem_comp.id
_chem_comp.type
_chem_comp.name
_chem_comp.formula
FAD non-polymer 'FLAVIN-ADENINE DINUCLEOTIDE' 'C27 H33 N9 O15 P2'
NAI non-polymer '1,4-DIHYDRONICOTINAMIDE ADENINE DINUCLEOTIDE' 'C21 H29 N7 O14 P2'
SO4 non-polymer 'SULFATE ION' 'O4 S -2'
#
# COMPACT_ATOMS: atom_id res chain seq x y z
N HIS A 5 1.96 7.13 10.32
CA HIS A 5 2.05 8.01 9.12
C HIS A 5 1.67 7.24 7.86
N ALA A 6 2.28 6.07 7.70
CA ALA A 6 2.01 5.22 6.53
C ALA A 6 0.60 4.64 6.58
N SER A 7 0.23 4.08 7.74
CA SER A 7 -1.09 3.48 7.91
C SER A 7 -2.19 4.53 7.75
N GLN A 8 -1.97 5.71 8.32
CA GLN A 8 -2.94 6.80 8.23
C GLN A 8 -3.18 7.14 6.76
N ARG A 9 -2.10 7.17 5.98
CA ARG A 9 -2.21 7.47 4.57
C ARG A 9 -3.02 6.39 3.86
N ASP A 10 -2.81 5.14 4.26
CA ASP A 10 -3.55 4.03 3.67
C ASP A 10 -5.03 4.15 4.03
N ALA A 11 -5.30 4.58 5.26
CA ALA A 11 -6.69 4.74 5.72
C ALA A 11 -7.38 5.89 4.98
N LEU A 12 -6.65 6.98 4.78
CA LEU A 12 -7.19 8.14 4.08
C LEU A 12 -7.51 7.80 2.64
N ASN A 13 -6.60 7.10 1.98
CA ASN A 13 -6.82 6.73 0.58
C ASN A 13 -7.97 5.75 0.42
N GLN A 14 -8.13 4.81 1.35
CA GLN A 14 -9.22 3.85 1.26
C GLN A 14 -10.57 4.53 1.49
N SER A 15 -10.65 5.37 2.51
CA SER A 15 -11.89 6.07 2.81
C SER A 15 -12.29 6.92 1.61
N LEU A 16 -11.30 7.48 0.92
CA LEU A 16 -11.56 8.30 -0.26
C LEU A 16 -12.13 7.43 -1.37
N ALA A 17 -11.56 6.23 -1.53
CA ALA A 17 -12.02 5.31 -2.56
C ALA A 17 -13.48 4.88 -2.33
N GLU A 18 -13.89 4.85 -1.06
CA GLU A 18 -15.25 4.45 -0.72
C GLU A 18 -16.30 5.55 -0.81
N VAL A 19 -15.85 6.81 -0.81
CA VAL A 19 -16.77 7.94 -0.92
C VAL A 19 -17.28 8.03 -2.35
N GLN A 20 -16.68 7.22 -3.23
CA GLN A 20 -17.03 7.21 -4.64
C GLN A 20 -18.54 7.16 -4.91
N GLY A 21 -19.04 8.19 -5.57
CA GLY A 21 -20.45 8.25 -5.92
C GLY A 21 -21.35 8.99 -4.93
N GLN A 22 -20.78 9.74 -4.00
CA GLN A 22 -21.58 10.47 -3.03
C GLN A 22 -21.17 11.94 -2.89
N ILE A 23 -20.17 12.37 -3.65
CA ILE A 23 -19.72 13.74 -3.58
C ILE A 23 -20.31 14.55 -4.74
N ASN A 24 -20.77 15.75 -4.44
CA ASN A 24 -21.34 16.63 -5.46
C ASN A 24 -20.30 17.67 -5.85
N VAL A 25 -20.25 17.98 -7.13
CA VAL A 25 -19.30 18.97 -7.61
C VAL A 25 -19.97 19.99 -8.51
N SER A 26 -19.37 21.18 -8.55
CA SER A 26 -19.85 22.26 -9.39
C SER A 26 -18.62 22.90 -10.03
N PHE A 27 -18.80 23.47 -11.21
CA PHE A 27 -17.70 24.10 -11.93
C PHE A 27 -18.01 25.55 -12.31
N GLU A 28 -17.05 26.43 -12.04
CA GLU A 28 -17.19 27.85 -12.35
C GLU A 28 -16.39 28.18 -13.61
N PHE A 29 -17.01 28.91 -14.54
CA PHE A 29 -16.35 29.31 -15.78
C PHE A 29 -16.45 30.83 -15.94
N PHE A 30 -15.76 31.37 -16.94
CA PHE A 30 -15.82 32.80 -17.22
C PHE A 30 -16.02 33.01 -18.71
N PRO A 31 -16.75 34.06 -19.09
CA PRO A 31 -17.01 34.34 -20.51
C PRO A 31 -15.70 34.55 -21.27
N PRO A 32 -15.50 33.79 -22.36
CA PRO A 32 -14.28 33.91 -23.16
C PRO A 32 -14.13 35.29 -23.79
N ARG A 33 -12.88 35.72 -23.95
CA ARG A 33 -12.59 37.03 -24.53
C ARG A 33 -12.01 36.90 -25.94
N THR A 34 -11.71 35.67 -26.36
CA THR A 34 -11.16 35.42 -27.68
C THR A 34 -11.75 34.18 -28.31
N SER A 35 -11.56 34.03 -29.63
CA SER A 35 -12.07 32.88 -30.35
C SER A 35 -11.42 31.61 -29.80
N GLU A 36 -10.13 31.72 -29.47
CA GLU A 36 -9.39 30.60 -28.92
C GLU A 36 -10.01 30.15 -27.59
N MET A 37 -10.25 31.10 -26.70
CA MET A 37 -10.85 30.79 -25.40
C MET A 37 -12.27 30.25 -25.54
N GLU A 38 -12.96 30.67 -26.60
CA GLU A 38 -14.33 30.21 -26.85
C GLU A 38 -14.25 28.70 -27.09
N GLN A 39 -13.32 28.31 -27.97
CA GLN A 39 -13.11 26.92 -28.32
C GLN A 39 -12.75 26.11 -27.06
N THR A 40 -11.80 26.63 -26.29
CA THR A 40 -11.35 25.97 -25.06
C THR A 40 -12.48 25.77 -24.06
N LEU A 41 -13.24 26.84 -23.81
CA LEU A 41 -14.34 26.79 -22.86
C LEU A 41 -15.34 25.68 -23.15
N TRP A 42 -15.90 25.69 -24.35
CA TRP A 42 -16.90 24.69 -24.71
C TRP A 42 -16.35 23.27 -24.72
N ASN A 43 -15.05 23.12 -24.98
CA ASN A 43 -14.46 21.79 -24.97
C ASN A 43 -14.45 21.31 -23.52
N SER A 44 -14.20 22.24 -22.60
CA SER A 44 -14.18 21.94 -21.17
C SER A 44 -15.59 21.57 -20.70
N ILE A 45 -16.57 22.35 -21.15
CA ILE A 45 -17.96 22.10 -20.79
C ILE A 45 -18.37 20.67 -21.16
N ASP A 46 -18.06 20.28 -22.39
CA ASP A 46 -18.38 18.94 -22.88
C ASP A 46 -17.65 17.88 -22.03
N ARG A 47 -16.41 18.17 -21.68
CA ARG A 47 -15.59 17.27 -20.88
C ARG A 47 -16.14 17.18 -19.45
N LEU A 48 -16.25 18.32 -18.79
CA LEU A 48 -16.73 18.36 -17.41
C LEU A 48 -18.21 17.99 -17.25
N SER A 49 -18.99 18.17 -18.31
CA SER A 49 -20.42 17.85 -18.24
C SER A 49 -20.65 16.36 -18.03
N SER A 50 -19.79 15.54 -18.62
CA SER A 50 -19.90 14.10 -18.50
C SER A 50 -19.78 13.66 -17.05
N LEU A 51 -19.38 14.57 -16.17
CA LEU A 51 -19.25 14.27 -14.75
C LEU A 51 -20.55 14.57 -14.01
N LYS A 52 -21.54 15.06 -14.74
CA LYS A 52 -22.85 15.38 -14.17
C LYS A 52 -22.78 16.16 -12.87
N PRO A 53 -22.24 17.39 -12.92
CA PRO A 53 -22.12 18.23 -11.72
C PRO A 53 -23.48 18.70 -11.21
N LYS A 54 -23.56 19.00 -9.93
CA LYS A 54 -24.79 19.48 -9.32
C LYS A 54 -25.23 20.72 -10.10
N PHE A 55 -24.25 21.52 -10.50
CA PHE A 55 -24.51 22.74 -11.28
C PHE A 55 -23.19 23.38 -11.69
N VAL A 56 -23.26 24.28 -12.66
CA VAL A 56 -22.08 25.00 -13.14
C VAL A 56 -22.46 26.48 -13.14
N SER A 57 -21.46 27.34 -12.98
CA SER A 57 -21.72 28.78 -12.96
C SER A 57 -20.79 29.57 -13.87
N VAL A 58 -21.25 30.76 -14.26
CA VAL A 58 -20.49 31.64 -15.14
C VAL A 58 -20.35 33.00 -14.48
N THR A 59 -19.12 33.46 -14.31
CA THR A 59 -18.85 34.74 -13.68
C THR A 59 -19.46 35.91 -14.44
N TYR A 60 -19.60 37.04 -13.74
CA TYR A 60 -20.17 38.25 -14.31
C TYR A 60 -19.20 39.41 -14.11
N THR A 70 -22.53 36.57 -20.59
CA THR A 70 -22.81 35.74 -19.44
C THR A 70 -24.13 34.98 -19.58
N HIS A 71 -25.22 35.74 -19.71
CA HIS A 71 -26.54 35.15 -19.85
C HIS A 71 -26.57 34.23 -21.07
N SER A 72 -25.86 34.60 -22.13
CA SER A 72 -25.81 33.80 -23.34
C SER A 72 -25.09 32.48 -23.09
N ILE A 73 -23.96 32.54 -22.39
CA ILE A 73 -23.19 31.35 -22.07
C ILE A 73 -24.08 30.41 -21.26
N ILE A 74 -24.82 30.98 -20.32
CA ILE A 74 -25.72 30.20 -19.48
C ILE A 74 -26.72 29.45 -20.34
N LYS A 75 -27.36 30.17 -21.26
CA LYS A 75 -28.33 29.57 -22.16
C LYS A 75 -27.71 28.46 -22.98
N GLY A 76 -26.57 28.75 -23.59
CA GLY A 76 -25.86 27.76 -24.38
C GLY A 76 -25.58 26.49 -23.61
N ILE A 77 -25.20 26.64 -22.35
CA ILE A 77 -24.89 25.50 -21.49
C ILE A 77 -26.16 24.70 -21.21
N LYS A 78 -27.24 25.41 -20.91
CA LYS A 78 -28.52 24.77 -20.61
C LYS A 78 -29.09 24.09 -21.85
N ASP A 79 -28.89 24.73 -23.00
CA ASP A 79 -29.38 24.21 -24.27
C ASP A 79 -28.50 23.08 -24.82
N ARG A 80 -27.24 23.06 -24.42
CA ARG A 80 -26.33 22.04 -24.89
C ARG A 80 -26.15 20.84 -23.96
N THR A 81 -26.09 21.11 -22.67
CA THR A 81 -25.90 20.03 -21.69
C THR A 81 -27.13 19.80 -20.81
N GLY A 82 -27.88 20.87 -20.54
CA GLY A 82 -29.06 20.74 -19.72
C GLY A 82 -28.73 20.86 -18.24
N LEU A 83 -27.48 21.17 -17.95
CA LEU A 83 -27.04 21.32 -16.56
C LEU A 83 -27.61 22.59 -15.97
N GLU A 84 -27.73 22.63 -14.65
CA GLU A 84 -28.24 23.82 -13.99
C GLU A 84 -27.18 24.91 -14.05
N ALA A 85 -27.31 25.80 -15.04
CA ALA A 85 -26.36 26.89 -15.20
C ALA A 85 -26.78 28.07 -14.35
N ALA A 86 -25.98 28.36 -13.32
CA ALA A 86 -26.26 29.45 -12.41
C ALA A 86 -25.34 30.65 -12.67
N PRO A 87 -25.86 31.68 -13.33
CA PRO A 87 -25.06 32.87 -13.62
C PRO A 87 -24.84 33.73 -12.37
N HIS A 88 -23.69 34.38 -12.30
CA HIS A 88 -23.39 35.23 -11.16
C HIS A 88 -24.05 36.59 -11.38
N LEU A 89 -24.35 37.30 -10.29
CA LEU A 89 -25.00 38.59 -10.36
C LEU A 89 -24.41 39.56 -9.34
N THR A 90 -23.93 40.70 -9.82
CA THR A 90 -23.33 41.70 -8.94
C THR A 90 -24.26 42.89 -8.73
N CYS A 91 -23.90 43.76 -7.80
CA CYS A 91 -24.69 44.95 -7.49
C CYS A 91 -24.12 46.18 -8.20
N ILE A 92 -22.91 46.05 -8.72
CA ILE A 92 -22.24 47.14 -9.41
C ILE A 92 -22.81 47.46 -10.78
N ASP A 93 -22.95 48.76 -11.05
CA ASP A 93 -23.49 49.24 -12.33
C ASP A 93 -24.91 48.80 -12.60
N ALA A 94 -25.72 48.71 -11.55
CA ALA A 94 -27.11 48.29 -11.69
C ALA A 94 -28.00 48.90 -10.63
N THR A 95 -29.23 49.22 -11.00
CA THR A 95 -30.19 49.82 -10.07
C THR A 95 -31.18 48.75 -9.63
N PRO A 96 -31.63 48.81 -8.37
CA PRO A 96 -32.58 47.85 -7.84
C PRO A 96 -33.71 47.53 -8.81
N ASP A 97 -34.06 48.51 -9.64
CA ASP A 97 -35.12 48.33 -10.63
C ASP A 97 -34.68 47.35 -11.71
N GLU A 98 -33.50 47.58 -12.27
CA GLU A 98 -32.95 46.72 -13.31
C GLU A 98 -32.65 45.33 -12.76
N LEU A 99 -32.17 45.29 -11.52
CA LEU A 99 -31.85 44.03 -10.87
C LEU A 99 -33.07 43.12 -10.91
N ARG A 100 -34.20 43.64 -10.43
CA ARG A 100 -35.44 42.87 -10.42
C ARG A 100 -35.83 42.46 -11.83
N THR A 101 -35.51 43.32 -12.79
CA THR A 101 -35.82 43.05 -14.20
C THR A 101 -35.00 41.86 -14.69
N ILE A 102 -33.70 41.93 -14.48
CA ILE A 102 -32.80 40.86 -14.89
C ILE A 102 -33.15 39.60 -14.11
N ALA A 103 -33.38 39.76 -12.82
CA ALA A 103 -33.74 38.66 -11.95
C ALA A 103 -34.95 37.92 -12.50
N ARG A 104 -36.00 38.66 -12.81
CA ARG A 104 -37.22 38.07 -13.34
C ARG A 104 -36.99 37.57 -14.76
N ASP A 105 -36.04 38.20 -15.46
CA ASP A 105 -35.72 37.81 -16.82
C ASP A 105 -35.11 36.41 -16.80
N TYR A 106 -34.29 36.14 -15.79
CA TYR A 106 -33.66 34.83 -15.64
C TYR A 106 -34.69 33.76 -15.31
N TRP A 107 -35.39 33.96 -14.20
CA TRP A 107 -36.40 33.03 -13.74
C TRP A 107 -37.40 32.69 -14.83
N ASN A 108 -37.67 33.65 -15.71
CA ASN A 108 -38.63 33.43 -16.78
C ASN A 108 -37.98 32.72 -17.97
N ASN A 109 -36.69 32.43 -17.85
CA ASN A 109 -35.95 31.75 -18.92
C ASN A 109 -35.43 30.38 -18.47
N GLY A 110 -35.91 29.92 -17.32
CA GLY A 110 -35.48 28.62 -16.81
C GLY A 110 -34.34 28.73 -15.82
N ILE A 111 -33.77 29.93 -15.69
CA ILE A 111 -32.67 30.17 -14.77
C ILE A 111 -33.21 30.25 -13.34
N ARG A 112 -33.02 29.18 -12.58
CA ARG A 112 -33.50 29.13 -11.20
C ARG A 112 -32.43 29.41 -10.16
N HIS A 113 -31.18 29.06 -10.48
CA HIS A 113 -30.07 29.26 -9.55
C HIS A 113 -29.29 30.52 -9.92
N ILE A 114 -29.00 31.34 -8.91
CA ILE A 114 -28.27 32.58 -9.11
C ILE A 114 -27.25 32.81 -7.99
N VAL A 115 -26.00 33.09 -8.37
CA VAL A 115 -24.95 33.35 -7.39
C VAL A 115 -24.95 34.85 -7.11
N ALA A 116 -25.56 35.24 -6.00
CA ALA A 116 -25.66 36.64 -5.62
C ALA A 116 -24.36 37.19 -5.02
N LEU A 117 -23.81 38.20 -5.67
CA LEU A 117 -22.57 38.83 -5.23
C LEU A 117 -22.69 40.35 -5.32
N ARG A 118 -21.85 41.05 -4.57
CA ARG A 118 -21.88 42.51 -4.59
C ARG A 118 -21.06 43.04 -5.77
N GLY A 119 -19.78 42.69 -5.81
CA GLY A 119 -18.91 43.13 -6.89
C GLY A 119 -17.83 44.11 -6.47
N MET A 130 -25.93 49.06 -0.79
CA MET A 130 -26.24 47.99 -1.73
C MET A 130 -25.24 46.83 -1.62
N TYR A 131 -25.51 45.89 -0.72
CA TYR A 131 -24.63 44.74 -0.55
C TYR A 131 -25.29 43.46 -1.03
N ALA A 132 -24.55 42.36 -0.95
CA ALA A 132 -25.06 41.06 -1.38
C ALA A 132 -26.37 40.71 -0.69
N SER A 133 -26.44 40.99 0.61
CA SER A 133 -27.65 40.71 1.38
C SER A 133 -28.88 41.32 0.72
N ASP A 134 -28.76 42.58 0.33
CA ASP A 134 -29.87 43.29 -0.32
C ASP A 134 -30.18 42.62 -1.66
N LEU A 135 -29.16 42.03 -2.26
CA LEU A 135 -29.33 41.35 -3.55
C LEU A 135 -30.10 40.06 -3.31
N VAL A 136 -29.79 39.38 -2.22
CA VAL A 136 -30.47 38.13 -1.88
C VAL A 136 -31.93 38.45 -1.58
N THR A 137 -32.15 39.43 -0.71
CA THR A 137 -33.50 39.84 -0.35
C THR A 137 -34.33 40.20 -1.58
N LEU A 138 -33.69 40.91 -2.52
CA LEU A 138 -34.35 41.33 -3.75
C LEU A 138 -34.76 40.12 -4.59
N LEU A 139 -33.83 39.21 -4.82
CA LEU A 139 -34.13 38.02 -5.62
C LEU A 139 -35.24 37.22 -4.95
N LYS A 140 -35.24 37.23 -3.62
CA LYS A 140 -36.24 36.52 -2.85
C LYS A 140 -37.60 37.17 -3.10
N GLU A 141 -37.66 38.49 -2.96
CA GLU A 141 -38.90 39.23 -3.17
C GLU A 141 -39.34 39.23 -4.62
N VAL A 142 -38.66 38.44 -5.45
CA VAL A 142 -39.01 38.36 -6.87
C VAL A 142 -39.51 36.96 -7.20
N ALA A 143 -38.83 35.96 -6.63
CA ALA A 143 -39.19 34.56 -6.83
C ALA A 143 -38.36 33.70 -5.88
N ASP A 144 -38.64 32.40 -5.84
CA ASP A 144 -37.92 31.51 -4.95
C ASP A 144 -36.70 30.89 -5.63
N PHE A 145 -35.67 31.70 -5.85
CA PHE A 145 -34.44 31.21 -6.48
C PHE A 145 -33.61 30.45 -5.46
N ASP A 146 -32.61 29.73 -5.97
CA ASP A 146 -31.69 29.01 -5.11
C ASP A 146 -30.55 30.01 -5.02
N ILE A 147 -30.42 30.69 -3.89
CA ILE A 147 -29.38 31.69 -3.74
C ILE A 147 -28.08 31.13 -3.19
N SER A 148 -26.99 31.49 -3.85
CA SER A 148 -25.66 31.05 -3.44
C SER A 148 -24.81 32.31 -3.29
N VAL A 149 -24.20 32.49 -2.13
CA VAL A 149 -23.36 33.66 -1.87
C VAL A 149 -21.91 33.29 -1.62
N ALA A 150 -21.08 34.32 -1.47
CA ALA A 150 -19.66 34.13 -1.24
C ALA A 150 -19.30 34.16 0.23
N ALA A 151 -18.34 33.32 0.61
CA ALA A 151 -17.84 33.22 1.99
C ALA A 151 -16.33 33.39 1.94
N TYR A 152 -15.75 33.98 2.99
CA TYR A 152 -14.31 34.21 3.02
C TYR A 152 -13.63 33.66 4.26
N PRO A 153 -13.06 32.46 4.17
CA PRO A 153 -12.36 31.80 5.29
C PRO A 153 -11.25 32.65 5.89
N GLU A 154 -10.62 33.47 5.06
CA GLU A 154 -9.53 34.33 5.53
C GLU A 154 -9.94 35.80 5.61
N VAL A 155 -11.24 36.02 5.69
CA VAL A 155 -11.83 37.35 5.83
C VAL A 155 -11.65 38.25 4.61
N HIS A 156 -12.77 38.80 4.11
CA HIS A 156 -12.76 39.69 2.97
C HIS A 156 -11.89 40.90 3.33
N PRO A 157 -11.04 41.34 2.40
CA PRO A 157 -10.16 42.49 2.66
C PRO A 157 -10.85 43.74 3.20
N GLU A 158 -12.04 44.05 2.69
CA GLU A 158 -12.77 45.23 3.14
C GLU A 158 -13.34 45.11 4.55
N ALA A 159 -13.77 43.91 4.93
CA ALA A 159 -14.33 43.67 6.26
C ALA A 159 -13.48 44.27 7.38
N LYS A 160 -14.15 44.91 8.33
CA LYS A 160 -13.48 45.54 9.45
C LYS A 160 -12.90 44.49 10.39
N SER A 161 -13.60 43.37 10.53
CA SER A 161 -13.16 42.30 11.41
C SER A 161 -13.63 40.93 10.92
N ALA A 162 -13.02 39.88 11.44
CA ALA A 162 -13.39 38.51 11.07
C ALA A 162 -14.85 38.28 11.47
N GLN A 163 -15.17 38.61 12.72
CA GLN A 163 -16.51 38.45 13.24
C GLN A 163 -17.52 39.22 12.39
N ALA A 164 -17.15 40.44 12.03
CA ALA A 164 -18.02 41.28 11.22
C ALA A 164 -18.36 40.60 9.90
N ASP A 165 -17.32 40.19 9.16
CA ASP A 165 -17.53 39.53 7.88
C ASP A 165 -18.31 38.24 8.12
N LEU A 166 -18.12 37.63 9.28
CA LEU A 166 -18.82 36.40 9.62
C LEU A 166 -20.31 36.68 9.75
N LEU A 167 -20.66 37.71 10.52
CA LEU A 167 -22.05 38.09 10.73
C LEU A 167 -22.73 38.45 9.41
N ASN A 168 -21.97 39.07 8.51
CA ASN A 168 -22.51 39.44 7.20
C ASN A 168 -22.94 38.20 6.45
N LEU A 169 -22.10 37.16 6.49
CA LEU A 169 -22.42 35.91 5.83
C LEU A 169 -23.75 35.41 6.37
N LYS A 170 -23.90 35.44 7.69
CA LYS A 170 -25.13 35.00 8.33
C LYS A 170 -26.30 35.85 7.84
N ARG A 171 -26.05 37.14 7.71
CA ARG A 171 -27.06 38.09 7.24
C ARG A 171 -27.52 37.66 5.84
N LYS A 172 -26.57 37.24 5.01
CA LYS A 172 -26.88 36.82 3.65
C LYS A 172 -27.60 35.49 3.65
N VAL A 173 -27.23 34.61 4.58
CA VAL A 173 -27.89 33.32 4.69
C VAL A 173 -29.31 33.57 5.19
N ASP A 174 -29.41 34.36 6.25
CA ASP A 174 -30.71 34.71 6.83
C ASP A 174 -31.61 35.34 5.77
N ALA A 175 -31.00 36.09 4.87
CA ALA A 175 -31.76 36.75 3.81
C ALA A 175 -32.30 35.75 2.81
N GLY A 176 -31.79 34.52 2.87
CA GLY A 176 -32.27 33.49 1.95
C GLY A 176 -31.19 32.72 1.21
N ALA A 177 -29.93 32.99 1.52
CA ALA A 177 -28.82 32.30 0.86
C ALA A 177 -28.86 30.82 1.22
N ASN A 178 -29.05 29.97 0.21
CA ASN A 178 -29.10 28.52 0.41
C ASN A 178 -27.75 27.96 0.82
N ARG A 179 -26.72 28.24 0.03
CA ARG A 179 -25.38 27.73 0.32
C ARG A 179 -24.33 28.81 0.18
N ALA A 180 -23.19 28.59 0.83
CA ALA A 180 -22.08 29.53 0.79
C ALA A 180 -20.89 28.89 0.08
N ILE A 181 -20.25 29.66 -0.79
CA ILE A 181 -19.07 29.18 -1.52
C ILE A 181 -17.88 30.03 -1.11
N THR A 182 -16.84 29.37 -0.60
CA THR A 182 -15.66 30.10 -0.14
C THR A 182 -14.73 30.55 -1.26
N GLN A 183 -13.94 31.55 -0.94
CA GLN A 183 -12.93 32.06 -1.85
C GLN A 183 -11.90 30.93 -1.78
N PHE A 184 -11.11 30.72 -2.83
CA PHE A 184 -10.13 29.65 -2.78
C PHE A 184 -9.19 29.87 -1.60
N PHE A 185 -8.55 28.78 -1.15
CA PHE A 185 -7.61 28.84 -0.03
C PHE A 185 -6.62 27.70 -0.18
N PHE A 186 -5.48 27.79 0.49
CA PHE A 186 -4.48 26.73 0.41
C PHE A 186 -4.13 26.15 1.77
N ASP A 187 -4.48 26.87 2.82
CA ASP A 187 -4.23 26.41 4.18
C ASP A 187 -5.53 25.73 4.64
N VAL A 188 -5.53 24.41 4.62
CA VAL A 188 -6.71 23.63 5.00
C VAL A 188 -7.25 23.98 6.39
N GLU A 189 -6.36 24.14 7.37
CA GLU A 189 -6.79 24.46 8.73
C GLU A 189 -7.64 25.72 8.77
N SER A 190 -7.28 26.72 7.96
CA SER A 190 -8.02 27.97 7.94
C SER A 190 -9.48 27.74 7.56
N TYR A 191 -9.70 26.88 6.56
CA TYR A 191 -11.06 26.56 6.13
C TYR A 191 -11.81 25.81 7.21
N LEU A 192 -11.13 24.86 7.85
CA LEU A 192 -11.73 24.06 8.90
C LEU A 192 -12.08 24.90 10.13
N ARG A 193 -11.17 25.79 10.52
CA ARG A 193 -11.42 26.65 11.66
C ARG A 193 -12.63 27.53 11.37
N PHE A 194 -12.67 28.07 10.16
CA PHE A 194 -13.77 28.93 9.73
C PHE A 194 -15.11 28.19 9.72
N ARG A 195 -15.12 26.94 9.26
CA ARG A 195 -16.34 26.16 9.22
C ARG A 195 -16.85 25.93 10.64
N ASP A 196 -15.93 25.75 11.58
CA ASP A 196 -16.28 25.55 12.98
C ASP A 196 -16.86 26.82 13.57
N ARG A 197 -16.40 27.97 13.10
CA ARG A 197 -16.91 29.24 13.59
C ARG A 197 -18.25 29.57 12.95
N CYS A 198 -18.50 29.00 11.77
CA CYS A 198 -19.76 29.23 11.08
C CYS A 198 -20.93 28.55 11.80
N VAL A 199 -20.70 27.32 12.28
CA VAL A 199 -21.74 26.58 12.98
C VAL A 199 -22.05 27.17 14.34
N SER A 200 -21.02 27.50 15.10
CA SER A 200 -21.20 28.06 16.44
C SER A 200 -21.73 29.50 16.33
N ALA A 201 -21.83 29.99 15.11
CA ALA A 201 -22.34 31.33 14.85
C ALA A 201 -23.78 31.23 14.39
N GLY A 202 -24.28 30.00 14.30
CA GLY A 202 -25.65 29.78 13.90
C GLY A 202 -25.93 29.62 12.42
N ILE A 203 -24.89 29.64 11.60
CA ILE A 203 -25.08 29.48 10.16
C ILE A 203 -25.38 28.01 9.87
N ASP A 204 -26.58 27.75 9.36
CA ASP A 204 -27.00 26.38 9.08
C ASP A 204 -26.81 25.91 7.63
N VAL A 205 -25.95 26.59 6.88
CA VAL A 205 -25.71 26.19 5.51
C VAL A 205 -24.30 25.63 5.39
N GLU A 206 -24.07 24.81 4.37
CA GLU A 206 -22.75 24.25 4.17
C GLU A 206 -21.84 25.30 3.56
N ILE A 207 -20.59 25.31 4.02
CA ILE A 207 -19.57 26.24 3.54
C ILE A 207 -18.77 25.52 2.47
N ILE A 208 -19.34 25.44 1.25
CA ILE A 208 -18.70 24.76 0.13
C ILE A 208 -17.34 25.31 -0.26
N PRO A 209 -16.26 24.54 0.01
CA PRO A 209 -14.91 25.01 -0.33
C PRO A 209 -14.70 25.25 -1.82
N GLY A 210 -14.16 26.42 -2.15
CA GLY A 210 -13.87 26.75 -3.53
C GLY A 210 -12.45 26.31 -3.79
N ILE A 211 -12.28 25.37 -4.72
CA ILE A 211 -10.95 24.84 -5.02
C ILE A 211 -10.32 25.42 -6.27
N LEU A 212 -9.13 25.99 -6.10
CA LEU A 212 -8.40 26.54 -7.24
C LEU A 212 -7.19 25.65 -7.55
N PRO A 213 -7.31 24.80 -8.57
CA PRO A 213 -6.19 23.92 -8.95
C PRO A 213 -5.14 24.83 -9.57
N VAL A 214 -3.93 24.86 -9.02
CA VAL A 214 -2.89 25.73 -9.55
C VAL A 214 -1.94 25.12 -10.57
N SER A 215 -1.92 25.72 -11.76
CA SER A 215 -1.03 25.29 -12.83
C SER A 215 -0.10 26.47 -13.11
N ASN A 216 -0.60 27.67 -12.79
CA ASN A 216 0.17 28.91 -12.97
C ASN A 216 0.30 29.57 -11.60
N PHE A 217 1.45 29.38 -10.96
CA PHE A 217 1.68 29.95 -9.64
C PHE A 217 1.71 31.48 -9.67
N LYS A 218 2.34 32.05 -10.67
CA LYS A 218 2.41 33.51 -10.79
C LYS A 218 0.99 34.10 -10.77
N GLN A 219 0.14 33.61 -11.66
CA GLN A 219 -1.24 34.09 -11.74
C GLN A 219 -2.00 33.86 -10.44
N ALA A 220 -1.78 32.70 -9.83
CA ALA A 220 -2.46 32.37 -8.58
C ALA A 220 -2.01 33.29 -7.45
N LYS A 221 -0.71 33.53 -7.36
CA LYS A 221 -0.19 34.40 -6.31
C LYS A 221 -0.75 35.80 -6.51
N LYS A 222 -1.10 36.12 -7.75
CA LYS A 222 -1.66 37.43 -8.08
C LYS A 222 -3.07 37.52 -7.48
N PHE A 223 -3.89 36.51 -7.77
CA PHE A 223 -5.25 36.46 -7.25
C PHE A 223 -5.21 36.58 -5.73
N ALA A 224 -4.33 35.78 -5.12
CA ALA A 224 -4.17 35.76 -3.67
C ALA A 224 -3.90 37.14 -3.08
N ASP A 225 -2.96 37.87 -3.66
CA ASP A 225 -2.61 39.19 -3.16
C ASP A 225 -3.73 40.20 -3.40
N MET A 226 -4.69 39.83 -4.24
CA MET A 226 -5.82 40.71 -4.54
C MET A 226 -7.05 40.35 -3.71
N THR A 227 -7.05 39.16 -3.11
CA THR A 227 -8.18 38.72 -2.31
C THR A 227 -7.85 38.44 -0.86
N ASN A 228 -6.61 38.73 -0.47
CA ASN A 228 -6.16 38.53 0.91
C ASN A 228 -6.07 37.05 1.26
N VAL A 229 -5.78 36.21 0.27
CA VAL A 229 -5.64 34.77 0.51
C VAL A 229 -4.17 34.48 0.78
N ARG A 230 -3.90 33.72 1.84
CA ARG A 230 -2.54 33.40 2.22
C ARG A 230 -1.94 32.22 1.45
N ILE A 231 -0.69 32.37 1.04
CA ILE A 231 0.03 31.32 0.33
C ILE A 231 1.04 30.74 1.30
N PRO A 232 0.74 29.57 1.89
CA PRO A 232 1.65 28.96 2.85
C PRO A 232 3.07 28.90 2.33
N ALA A 233 4.03 29.00 3.25
CA ALA A 233 5.45 28.98 2.90
C ALA A 233 5.80 27.73 2.11
N TRP A 234 5.32 26.58 2.57
CA TRP A 234 5.60 25.32 1.92
C TRP A 234 5.11 25.32 0.47
N MET A 235 4.05 26.06 0.20
CA MET A 235 3.50 26.14 -1.15
C MET A 235 4.41 27.00 -2.03
N ALA A 236 4.90 28.10 -1.46
CA ALA A 236 5.79 28.99 -2.18
C ALA A 236 7.05 28.22 -2.55
N GLN A 237 7.56 27.45 -1.60
CA GLN A 237 8.77 26.64 -1.80
C GLN A 237 8.52 25.54 -2.82
N MET A 238 7.31 24.98 -2.80
CA MET A 238 6.97 23.91 -3.72
C MET A 238 6.95 24.38 -5.17
N PHE A 239 6.64 25.66 -5.40
CA PHE A 239 6.60 26.19 -6.75
C PHE A 239 7.85 26.99 -7.12
N ASP A 240 8.73 27.18 -6.14
CA ASP A 240 9.95 27.93 -6.39
C ASP A 240 10.78 27.25 -7.48
N GLY A 241 11.21 28.04 -8.46
CA GLY A 241 12.03 27.51 -9.54
C GLY A 241 11.29 26.89 -10.71
N LEU A 242 9.97 26.98 -10.73
CA LEU A 242 9.19 26.39 -11.82
C LEU A 242 8.60 27.39 -12.81
N ASP A 243 9.04 28.64 -12.73
CA ASP A 243 8.54 29.67 -13.64
C ASP A 243 8.53 29.22 -15.09
N ASP A 244 9.56 28.48 -15.51
CA ASP A 244 9.64 28.02 -16.89
C ASP A 244 9.46 26.51 -17.05
N ASP A 245 8.67 25.92 -16.16
CA ASP A 245 8.43 24.49 -16.21
C ASP A 245 6.94 24.21 -15.98
N ALA A 246 6.13 24.47 -17.00
CA ALA A 246 4.69 24.28 -16.93
C ALA A 246 4.30 22.86 -16.59
N GLU A 247 5.07 21.89 -17.09
CA GLU A 247 4.79 20.49 -16.87
C GLU A 247 4.87 20.13 -15.40
N THR A 248 5.98 20.50 -14.75
CA THR A 248 6.17 20.21 -13.34
C THR A 248 5.15 20.99 -12.50
N ARG A 249 4.85 22.22 -12.92
CA ARG A 249 3.88 23.03 -12.18
C ARG A 249 2.54 22.30 -12.10
N LYS A 250 2.10 21.75 -13.22
CA LYS A 250 0.82 21.03 -13.27
C LYS A 250 0.80 19.80 -12.37
N LEU A 251 1.89 19.03 -12.37
CA LEU A 251 1.93 17.84 -11.53
C LEU A 251 1.93 18.24 -10.05
N VAL A 252 2.74 19.25 -9.71
CA VAL A 252 2.81 19.72 -8.32
C VAL A 252 1.47 20.31 -7.88
N GLY A 253 0.83 21.08 -8.76
CA GLY A 253 -0.45 21.67 -8.42
C GLY A 253 -1.56 20.64 -8.30
N ALA A 254 -1.55 19.66 -9.18
CA ALA A 254 -2.57 18.61 -9.14
C ALA A 254 -2.38 17.87 -7.80
N ASN A 255 -1.13 17.62 -7.42
CA ASN A 255 -0.84 16.94 -6.17
C ASN A 255 -1.39 17.72 -4.98
N ILE A 256 -1.11 19.02 -4.94
CA ILE A 256 -1.60 19.87 -3.86
C ILE A 256 -3.12 19.85 -3.77
N ALA A 257 -3.80 20.00 -4.90
CA ALA A 257 -5.25 20.00 -4.93
C ALA A 257 -5.79 18.63 -4.52
N MET A 258 -5.09 17.58 -4.94
CA MET A 258 -5.44 16.19 -4.63
C MET A 258 -5.47 15.98 -3.12
N ASP A 259 -4.37 16.32 -2.50
CA ASP A 259 -4.21 16.17 -1.06
C ASP A 259 -5.22 17.00 -0.30
N MET A 260 -5.52 18.18 -0.80
CA MET A 260 -6.48 19.04 -0.13
C MET A 260 -7.87 18.45 -0.09
N VAL A 261 -8.40 18.06 -1.25
CA VAL A 261 -9.75 17.49 -1.27
C VAL A 261 -9.84 16.16 -0.53
N LYS A 262 -8.73 15.44 -0.46
CA LYS A 262 -8.69 14.16 0.23
C LYS A 262 -8.88 14.41 1.73
N ILE A 263 -8.16 15.39 2.26
CA ILE A 263 -8.28 15.73 3.67
C ILE A 263 -9.67 16.29 3.96
N LEU A 264 -10.15 17.17 3.09
CA LEU A 264 -11.47 17.78 3.24
C LEU A 264 -12.56 16.71 3.27
N SER A 265 -12.46 15.74 2.36
CA SER A 265 -13.43 14.67 2.27
C SER A 265 -13.50 13.89 3.59
N ARG A 266 -12.34 13.65 4.20
CA ARG A 266 -12.27 12.91 5.46
C ARG A 266 -12.87 13.73 6.60
N GLU A 267 -12.95 15.04 6.41
CA GLU A 267 -13.52 15.91 7.43
C GLU A 267 -15.03 16.01 7.28
N GLY A 268 -15.57 15.33 6.28
CA GLY A 268 -17.01 15.37 6.08
C GLY A 268 -17.48 16.20 4.90
N VAL A 269 -16.59 16.97 4.30
CA VAL A 269 -16.98 17.80 3.17
C VAL A 269 -17.42 16.90 2.02
N LYS A 270 -18.65 17.09 1.56
CA LYS A 270 -19.19 16.31 0.46
C LYS A 270 -19.56 17.17 -0.74
N ASP A 271 -19.16 18.44 -0.70
CA ASP A 271 -19.45 19.37 -1.79
C ASP A 271 -18.20 20.16 -2.16
N PHE A 272 -17.90 20.25 -3.45
CA PHE A 272 -16.72 20.99 -3.90
C PHE A 272 -17.03 21.88 -5.11
N HIS A 273 -16.50 23.10 -5.09
CA HIS A 273 -16.69 24.07 -6.17
C HIS A 273 -15.33 24.32 -6.83
N PHE A 274 -15.22 24.05 -8.12
CA PHE A 274 -13.94 24.25 -8.82
C PHE A 274 -13.83 25.46 -9.73
N TYR A 275 -12.79 26.25 -9.48
CA TYR A 275 -12.49 27.43 -10.28
C TYR A 275 -11.62 26.89 -11.40
N THR A 276 -12.27 26.42 -12.46
CA THR A 276 -11.58 25.83 -13.60
C THR A 276 -10.78 26.79 -14.48
N LEU A 277 -11.16 28.07 -14.48
CA LEU A 277 -10.51 29.05 -15.35
C LEU A 277 -10.67 28.54 -16.78
N ASN A 278 -11.81 27.92 -17.02
CA ASN A 278 -12.19 27.37 -18.32
C ASN A 278 -11.37 26.18 -18.81
N ARG A 279 -10.52 25.64 -17.94
CA ARG A 279 -9.68 24.49 -18.27
C ARG A 279 -10.24 23.27 -17.53
N ALA A 280 -10.36 22.14 -18.22
CA ALA A 280 -10.92 20.93 -17.60
C ALA A 280 -9.94 19.89 -17.05
N GLU A 281 -8.76 19.79 -17.64
CA GLU A 281 -7.74 18.81 -17.25
C GLU A 281 -7.59 18.55 -15.75
N MET A 282 -7.16 19.56 -14.99
CA MET A 282 -6.94 19.40 -13.56
C MET A 282 -8.20 19.09 -12.75
N SER A 283 -9.23 19.92 -12.89
CA SER A 283 -10.47 19.70 -12.16
C SER A 283 -11.04 18.31 -12.45
N TYR A 284 -10.96 17.89 -13.70
CA TYR A 284 -11.47 16.58 -14.11
C TYR A 284 -10.73 15.48 -13.34
N ALA A 285 -9.41 15.61 -13.23
CA ALA A 285 -8.58 14.63 -12.53
C ALA A 285 -8.86 14.63 -11.04
N ILE A 286 -9.00 15.82 -10.45
CA ILE A 286 -9.28 15.92 -9.04
C ILE A 286 -10.63 15.28 -8.73
N CYS A 287 -11.62 15.51 -9.60
CA CYS A 287 -12.92 14.90 -9.40
C CYS A 287 -12.79 13.39 -9.50
N HIS A 288 -12.00 12.93 -10.45
CA HIS A 288 -11.81 11.49 -10.61
C HIS A 288 -11.40 10.86 -9.29
N THR A 289 -10.49 11.49 -8.57
CA THR A 289 -10.03 10.94 -7.30
C THR A 289 -11.08 11.04 -6.19
N LEU A 290 -12.12 11.83 -6.43
CA LEU A 290 -13.21 11.97 -5.46
C LEU A 290 -14.34 11.02 -5.83
N GLY A 291 -14.09 10.16 -6.80
CA GLY A 291 -15.10 9.21 -7.22
C GLY A 291 -16.08 9.81 -8.20
N VAL A 292 -15.91 11.08 -8.53
CA VAL A 292 -16.79 11.76 -9.48
C VAL A 292 -16.27 11.44 -10.87
N ARG A 293 -16.89 10.44 -11.51
CA ARG A 293 -16.47 10.00 -12.83
C ARG A 293 -17.66 9.81 -13.77
N PRO A 294 -17.41 9.80 -15.09
CA PRO A 294 -18.48 9.64 -16.07
C PRO A 294 -19.05 8.22 -16.11
N PHE B 3 -8.52 9.05 16.44
CA PHE B 3 -7.48 9.40 15.43
C PHE B 3 -6.56 8.21 15.13
N PHE B 4 -5.39 8.20 15.76
CA PHE B 4 -4.40 7.15 15.56
C PHE B 4 -4.95 5.73 15.67
N HIS B 5 -5.46 5.37 16.84
CA HIS B 5 -6.01 4.04 17.07
C HIS B 5 -7.06 3.69 16.03
N ALA B 6 -7.91 4.66 15.69
CA ALA B 6 -8.96 4.44 14.71
C ALA B 6 -8.39 4.13 13.33
N SER B 7 -7.54 5.02 12.81
CA SER B 7 -6.97 4.81 11.49
C SER B 7 -6.14 3.52 11.42
N GLN B 8 -5.43 3.21 12.50
CA GLN B 8 -4.61 1.99 12.54
C GLN B 8 -5.48 0.76 12.33
N ARG B 9 -6.66 0.76 12.95
CA ARG B 9 -7.62 -0.34 12.84
C ARG B 9 -8.07 -0.49 11.39
N ASP B 10 -8.55 0.60 10.81
CA ASP B 10 -9.02 0.62 9.43
C ASP B 10 -7.96 0.08 8.48
N ALA B 11 -6.72 0.53 8.65
CA ALA B 11 -5.62 0.08 7.79
C ALA B 11 -5.34 -1.41 7.98
N LEU B 12 -5.31 -1.86 9.23
CA LEU B 12 -5.07 -3.27 9.51
C LEU B 12 -6.17 -4.12 8.91
N ASN B 13 -7.41 -3.67 9.09
CA ASN B 13 -8.56 -4.38 8.55
C ASN B 13 -8.54 -4.44 7.03
N GLN B 14 -8.27 -3.31 6.38
CA GLN B 14 -8.23 -3.30 4.93
C GLN B 14 -7.11 -4.20 4.40
N SER B 15 -5.94 -4.15 5.04
CA SER B 15 -4.82 -4.99 4.64
C SER B 15 -5.22 -6.46 4.67
N LEU B 16 -5.86 -6.88 5.76
CA LEU B 16 -6.28 -8.26 5.89
C LEU B 16 -7.23 -8.64 4.75
N ALA B 17 -8.15 -7.73 4.43
CA ALA B 17 -9.11 -7.98 3.37
C ALA B 17 -8.41 -8.24 2.04
N GLU B 18 -7.33 -7.52 1.79
CA GLU B 18 -6.60 -7.66 0.53
C GLU B 18 -5.67 -8.87 0.44
N VAL B 19 -5.51 -9.61 1.53
CA VAL B 19 -4.62 -10.78 1.49
C VAL B 19 -5.38 -12.04 1.07
N GLN B 20 -6.69 -11.92 0.94
CA GLN B 20 -7.51 -13.06 0.55
C GLN B 20 -6.92 -13.83 -0.63
N GLY B 21 -6.75 -15.13 -0.44
CA GLY B 21 -6.20 -15.96 -1.50
C GLY B 21 -4.70 -16.23 -1.43
N GLN B 22 -4.00 -15.61 -0.47
CA GLN B 22 -2.56 -15.80 -0.35
C GLN B 22 -2.12 -16.52 0.93
N ILE B 23 -3.08 -16.90 1.76
CA ILE B 23 -2.75 -17.57 3.02
C ILE B 23 -2.87 -19.09 2.97
N ASN B 24 -1.86 -19.77 3.48
CA ASN B 24 -1.84 -21.24 3.53
C ASN B 24 -2.18 -21.62 4.97
N VAL B 25 -3.02 -22.63 5.14
CA VAL B 25 -3.38 -23.07 6.48
C VAL B 25 -3.29 -24.58 6.62
N SER B 26 -3.10 -25.03 7.86
CA SER B 26 -3.04 -26.45 8.16
C SER B 26 -3.78 -26.65 9.48
N PHE B 27 -4.35 -27.83 9.68
CA PHE B 27 -5.08 -28.11 10.90
C PHE B 27 -4.57 -29.33 11.62
N GLU B 28 -4.50 -29.23 12.95
CA GLU B 28 -4.05 -30.34 13.77
C GLU B 28 -5.23 -30.95 14.52
N PHE B 29 -5.30 -32.29 14.48
CA PHE B 29 -6.36 -33.05 15.16
C PHE B 29 -5.73 -34.13 16.04
N PHE B 30 -6.51 -34.66 16.96
CA PHE B 30 -6.02 -35.73 17.81
C PHE B 30 -6.97 -36.93 17.71
N PRO B 31 -6.46 -38.15 17.93
CA PRO B 31 -7.27 -39.37 17.87
C PRO B 31 -8.43 -39.38 18.86
N PRO B 32 -9.66 -39.47 18.37
CA PRO B 32 -10.81 -39.49 19.27
C PRO B 32 -10.75 -40.65 20.27
N ARG B 33 -11.29 -40.45 21.46
CA ARG B 33 -11.28 -41.47 22.51
C ARG B 33 -12.66 -42.02 22.80
N THR B 34 -13.68 -41.47 22.14
CA THR B 34 -15.06 -41.90 22.35
C THR B 34 -15.85 -41.78 21.06
N SER B 35 -17.02 -42.41 21.05
CA SER B 35 -17.91 -42.37 19.90
C SER B 35 -18.27 -40.91 19.61
N GLU B 36 -18.55 -40.16 20.67
CA GLU B 36 -18.92 -38.76 20.55
C GLU B 36 -17.82 -37.94 19.88
N MET B 37 -16.58 -38.07 20.37
CA MET B 37 -15.47 -37.31 19.80
C MET B 37 -15.19 -37.77 18.37
N GLU B 38 -15.40 -39.06 18.10
CA GLU B 38 -15.16 -39.58 16.76
C GLU B 38 -16.09 -38.86 15.79
N GLN B 39 -17.36 -38.76 16.15
CA GLN B 39 -18.34 -38.09 15.29
C GLN B 39 -17.94 -36.62 15.11
N THR B 40 -17.64 -35.94 16.21
CA THR B 40 -17.24 -34.54 16.18
C THR B 40 -16.06 -34.35 15.23
N LEU B 41 -15.04 -35.19 15.38
CA LEU B 41 -13.85 -35.09 14.54
C LEU B 41 -14.14 -35.18 13.04
N TRP B 42 -14.91 -36.16 12.63
CA TRP B 42 -15.22 -36.29 11.22
C TRP B 42 -16.07 -35.13 10.73
N ASN B 43 -16.93 -34.60 11.60
CA ASN B 43 -17.73 -33.44 11.21
C ASN B 43 -16.75 -32.28 10.94
N SER B 44 -15.80 -32.10 11.86
CA SER B 44 -14.81 -31.03 11.72
C SER B 44 -13.92 -31.21 10.49
N ILE B 45 -13.51 -32.45 10.22
CA ILE B 45 -12.69 -32.76 9.06
C ILE B 45 -13.43 -32.34 7.80
N ASP B 46 -14.69 -32.75 7.69
CA ASP B 46 -15.49 -32.41 6.53
C ASP B 46 -15.59 -30.89 6.34
N ARG B 47 -15.87 -30.16 7.42
CA ARG B 47 -15.99 -28.72 7.26
C ARG B 47 -14.68 -28.00 6.97
N LEU B 48 -13.60 -28.40 7.63
CA LEU B 48 -12.31 -27.73 7.40
C LEU B 48 -11.67 -28.17 6.08
N SER B 49 -12.02 -29.36 5.61
CA SER B 49 -11.45 -29.83 4.35
C SER B 49 -11.88 -28.91 3.21
N SER B 50 -13.08 -28.33 3.33
CA SER B 50 -13.57 -27.44 2.28
C SER B 50 -12.70 -26.20 2.16
N LEU B 51 -11.84 -25.94 3.14
CA LEU B 51 -10.96 -24.78 3.11
C LEU B 51 -9.67 -25.07 2.35
N LYS B 52 -9.50 -26.31 1.90
CA LYS B 52 -8.32 -26.71 1.14
C LYS B 52 -7.01 -26.43 1.86
N PRO B 53 -6.84 -27.00 3.07
CA PRO B 53 -5.61 -26.77 3.82
C PRO B 53 -4.42 -27.40 3.10
N LYS B 54 -3.24 -26.79 3.27
CA LYS B 54 -2.03 -27.30 2.66
C LYS B 54 -1.86 -28.75 3.12
N PHE B 55 -2.21 -28.99 4.38
CA PHE B 55 -2.15 -30.33 4.97
C PHE B 55 -2.82 -30.31 6.33
N VAL B 56 -3.03 -31.48 6.90
CA VAL B 56 -3.61 -31.61 8.23
C VAL B 56 -2.71 -32.61 8.95
N SER B 57 -2.68 -32.57 10.27
CA SER B 57 -1.84 -33.51 11.01
C SER B 57 -2.64 -34.15 12.12
N VAL B 58 -2.17 -35.30 12.59
CA VAL B 58 -2.84 -36.04 13.66
C VAL B 58 -1.80 -36.36 14.72
N THR B 59 -2.08 -35.96 15.95
CA THR B 59 -1.13 -36.19 17.05
C THR B 59 -1.01 -37.64 17.51
N TYR B 60 0.06 -37.90 18.24
CA TYR B 60 0.33 -39.21 18.81
C TYR B 60 0.96 -39.01 20.18
N GLY B 61 0.23 -39.39 21.22
CA GLY B 61 0.74 -39.24 22.57
C GLY B 61 1.91 -40.16 22.86
N ALA B 62 3.06 -39.57 23.15
CA ALA B 62 4.27 -40.33 23.46
C ALA B 62 4.01 -41.26 24.65
N ASN B 63 4.58 -42.45 24.61
CA ASN B 63 4.44 -43.43 25.69
C ASN B 63 3.00 -43.92 25.85
N SER B 64 2.14 -43.62 24.87
CA SER B 64 0.73 -44.03 24.96
C SER B 64 0.51 -45.45 24.45
N GLY B 65 1.31 -45.87 23.49
CA GLY B 65 1.16 -47.20 22.94
C GLY B 65 -0.07 -47.29 22.04
N GLU B 66 -0.69 -46.15 21.78
CA GLU B 66 -1.87 -46.08 20.93
C GLU B 66 -1.52 -45.61 19.53
N ARG B 67 -0.34 -46.02 19.07
CA ARG B 67 0.15 -45.66 17.74
C ARG B 67 -0.83 -46.01 16.62
N ASP B 68 -1.49 -47.15 16.75
CA ASP B 68 -2.46 -47.60 15.75
C ASP B 68 -3.61 -46.62 15.52
N ARG B 69 -4.01 -45.92 16.58
CA ARG B 69 -5.11 -44.96 16.49
C ARG B 69 -4.74 -43.83 15.55
N THR B 70 -3.52 -43.31 15.70
CA THR B 70 -3.04 -42.23 14.86
C THR B 70 -3.01 -42.65 13.40
N HIS B 71 -2.39 -43.79 13.12
CA HIS B 71 -2.29 -44.30 11.76
C HIS B 71 -3.67 -44.54 11.14
N SER B 72 -4.61 -45.04 11.95
CA SER B 72 -5.97 -45.30 11.49
C SER B 72 -6.69 -44.04 11.05
N ILE B 73 -6.57 -42.99 11.86
CA ILE B 73 -7.20 -41.70 11.55
C ILE B 73 -6.59 -41.10 10.30
N ILE B 74 -5.27 -41.17 10.19
CA ILE B 74 -4.57 -40.63 9.02
C ILE B 74 -5.12 -41.26 7.74
N LYS B 75 -5.24 -42.58 7.74
CA LYS B 75 -5.74 -43.30 6.56
C LYS B 75 -7.14 -42.82 6.21
N GLY B 76 -8.01 -42.77 7.22
CA GLY B 76 -9.38 -42.33 6.99
C GLY B 76 -9.47 -40.95 6.37
N ILE B 77 -8.61 -40.04 6.82
CA ILE B 77 -8.61 -38.68 6.31
C ILE B 77 -8.22 -38.67 4.83
N LYS B 78 -7.15 -39.38 4.49
CA LYS B 78 -6.69 -39.44 3.11
C LYS B 78 -7.79 -40.06 2.23
N ASP B 79 -8.36 -41.17 2.70
CA ASP B 79 -9.40 -41.86 1.94
C ASP B 79 -10.66 -41.02 1.75
N ARG B 80 -10.99 -40.17 2.73
CA ARG B 80 -12.20 -39.36 2.62
C ARG B 80 -12.06 -38.00 1.96
N THR B 81 -10.92 -37.36 2.16
CA THR B 81 -10.72 -36.02 1.62
C THR B 81 -9.70 -35.89 0.50
N GLY B 82 -8.74 -36.82 0.45
CA GLY B 82 -7.72 -36.74 -0.57
C GLY B 82 -6.70 -35.68 -0.19
N LEU B 83 -6.78 -35.21 1.06
CA LEU B 83 -5.86 -34.19 1.57
C LEU B 83 -4.60 -34.86 2.11
N GLU B 84 -3.50 -34.12 2.13
CA GLU B 84 -2.27 -34.65 2.69
C GLU B 84 -2.45 -34.68 4.20
N ALA B 85 -2.25 -35.84 4.81
CA ALA B 85 -2.40 -35.98 6.25
C ALA B 85 -1.05 -36.40 6.82
N ALA B 86 -0.56 -35.64 7.80
CA ALA B 86 0.74 -35.90 8.40
C ALA B 86 0.66 -36.45 9.80
N PRO B 87 1.14 -37.68 10.02
CA PRO B 87 1.07 -38.21 11.38
C PRO B 87 2.20 -37.61 12.21
N HIS B 88 1.96 -37.44 13.50
CA HIS B 88 3.03 -36.96 14.37
C HIS B 88 3.69 -38.25 14.81
N LEU B 89 5.01 -38.27 14.83
CA LEU B 89 5.79 -39.44 15.22
C LEU B 89 6.80 -39.04 16.29
N THR B 90 6.80 -39.77 17.41
CA THR B 90 7.72 -39.49 18.50
C THR B 90 8.78 -40.59 18.56
N CYS B 91 9.98 -40.24 19.02
CA CYS B 91 11.07 -41.22 19.08
C CYS B 91 11.50 -41.62 20.48
N ILE B 92 10.89 -40.99 21.48
CA ILE B 92 11.24 -41.26 22.87
C ILE B 92 10.74 -42.64 23.31
N ASP B 93 9.68 -43.13 22.66
CA ASP B 93 9.08 -44.43 23.02
C ASP B 93 9.20 -45.53 21.97
N ALA B 94 10.28 -45.50 21.19
CA ALA B 94 10.48 -46.51 20.15
C ALA B 94 11.96 -46.60 19.81
N THR B 95 12.40 -47.76 19.34
CA THR B 95 13.79 -47.94 18.97
C THR B 95 13.99 -47.55 17.52
N PRO B 96 15.24 -47.25 17.13
CA PRO B 96 15.52 -46.87 15.74
C PRO B 96 14.95 -47.87 14.74
N ASP B 97 15.05 -49.16 15.06
CA ASP B 97 14.54 -50.20 14.18
C ASP B 97 13.03 -50.10 14.02
N GLU B 98 12.33 -49.95 15.13
CA GLU B 98 10.88 -49.84 15.10
C GLU B 98 10.48 -48.61 14.30
N LEU B 99 11.21 -47.53 14.50
CA LEU B 99 10.93 -46.26 13.81
C LEU B 99 11.15 -46.38 12.30
N ARG B 100 12.22 -47.07 11.89
CA ARG B 100 12.46 -47.23 10.46
C ARG B 100 11.33 -48.05 9.86
N THR B 101 10.89 -49.08 10.60
CA THR B 101 9.80 -49.92 10.13
C THR B 101 8.53 -49.07 9.99
N ILE B 102 8.22 -48.32 11.04
CA ILE B 102 7.05 -47.45 11.05
C ILE B 102 7.11 -46.45 9.89
N ALA B 103 8.29 -45.88 9.66
CA ALA B 103 8.48 -44.91 8.58
C ALA B 103 8.31 -45.52 7.20
N ARG B 104 8.88 -46.71 6.99
CA ARG B 104 8.78 -47.38 5.71
C ARG B 104 7.32 -47.68 5.40
N ASP B 105 6.58 -48.13 6.42
CA ASP B 105 5.17 -48.45 6.23
C ASP B 105 4.40 -47.18 5.82
N TYR B 106 4.68 -46.06 6.48
CA TYR B 106 4.02 -44.80 6.15
C TYR B 106 4.27 -44.46 4.69
N TRP B 107 5.54 -44.46 4.30
CA TRP B 107 5.88 -44.12 2.92
C TRP B 107 5.18 -45.02 1.91
N ASN B 108 5.17 -46.33 2.17
CA ASN B 108 4.51 -47.25 1.24
C ASN B 108 3.00 -47.07 1.23
N ASN B 109 2.47 -46.49 2.29
CA ASN B 109 1.03 -46.26 2.38
C ASN B 109 0.68 -44.88 1.85
N GLY B 110 1.64 -44.23 1.20
CA GLY B 110 1.38 -42.91 0.65
C GLY B 110 1.52 -41.73 1.60
N ILE B 111 2.02 -41.98 2.80
CA ILE B 111 2.21 -40.92 3.78
C ILE B 111 3.62 -40.36 3.59
N ARG B 112 3.73 -39.21 2.94
CA ARG B 112 5.04 -38.62 2.64
C ARG B 112 5.41 -37.38 3.44
N HIS B 113 4.63 -37.07 4.48
CA HIS B 113 4.90 -35.90 5.34
C HIS B 113 4.75 -36.36 6.77
N ILE B 114 5.78 -36.14 7.58
CA ILE B 114 5.75 -36.53 8.97
C ILE B 114 6.16 -35.37 9.88
N VAL B 115 5.45 -35.23 11.00
CA VAL B 115 5.80 -34.20 11.97
C VAL B 115 6.70 -34.98 12.95
N ALA B 116 8.01 -34.77 12.84
CA ALA B 116 8.99 -35.46 13.68
C ALA B 116 9.22 -34.78 15.02
N LEU B 117 8.85 -35.47 16.09
CA LEU B 117 8.98 -34.96 17.45
C LEU B 117 9.67 -35.97 18.35
N ARG B 118 10.17 -35.50 19.50
CA ARG B 118 10.81 -36.40 20.44
C ARG B 118 9.77 -36.98 21.38
N GLY B 119 8.92 -36.10 21.92
CA GLY B 119 7.89 -36.54 22.85
C GLY B 119 8.44 -36.28 24.25
N ASP B 120 7.56 -36.22 25.24
CA ASP B 120 8.00 -35.98 26.62
C ASP B 120 8.64 -37.24 27.22
N LEU B 121 9.53 -37.04 28.20
CA LEU B 121 10.22 -38.15 28.84
C LEU B 121 9.25 -39.03 29.64
N GLU B 129 17.90 -41.47 24.55
CA GLU B 129 18.84 -41.98 23.56
C GLU B 129 18.62 -41.32 22.20
N MET B 130 17.48 -40.67 22.05
CA MET B 130 17.14 -39.99 20.79
C MET B 130 16.43 -38.66 21.03
N TYR B 131 16.89 -37.63 20.33
CA TYR B 131 16.26 -36.32 20.39
C TYR B 131 15.60 -36.16 19.04
N ALA B 132 14.69 -35.19 18.90
CA ALA B 132 14.00 -34.99 17.64
C ALA B 132 14.94 -34.94 16.44
N SER B 133 16.09 -34.28 16.59
CA SER B 133 17.06 -34.19 15.49
C SER B 133 17.50 -35.57 14.99
N ASP B 134 17.58 -36.53 15.91
CA ASP B 134 17.99 -37.89 15.54
C ASP B 134 16.89 -38.55 14.71
N LEU B 135 15.63 -38.26 15.04
CA LEU B 135 14.52 -38.83 14.30
C LEU B 135 14.51 -38.25 12.88
N VAL B 136 14.78 -36.95 12.76
CA VAL B 136 14.82 -36.30 11.44
C VAL B 136 15.82 -37.00 10.53
N THR B 137 17.02 -37.24 11.04
CA THR B 137 18.08 -37.91 10.28
C THR B 137 17.64 -39.33 9.93
N LEU B 138 17.09 -40.03 10.90
CA LEU B 138 16.61 -41.40 10.70
C LEU B 138 15.56 -41.44 9.59
N LEU B 139 14.64 -40.48 9.62
CA LEU B 139 13.57 -40.44 8.62
C LEU B 139 14.11 -40.14 7.23
N LYS B 140 15.05 -39.20 7.14
CA LYS B 140 15.63 -38.85 5.85
C LYS B 140 16.40 -40.01 5.22
N GLU B 141 16.94 -40.90 6.05
CA GLU B 141 17.68 -42.04 5.55
C GLU B 141 16.70 -43.06 4.97
N VAL B 142 15.50 -43.11 5.54
CA VAL B 142 14.48 -44.04 5.07
C VAL B 142 13.93 -43.61 3.72
N ALA B 143 13.53 -42.34 3.62
CA ALA B 143 12.99 -41.81 2.37
C ALA B 143 13.01 -40.29 2.36
N ASP B 144 12.75 -39.70 1.20
CA ASP B 144 12.75 -38.25 1.07
C ASP B 144 11.47 -37.62 1.60
N PHE B 145 11.22 -37.79 2.90
CA PHE B 145 10.03 -37.27 3.55
C PHE B 145 9.99 -35.75 3.69
N ASP B 146 8.78 -35.22 3.78
CA ASP B 146 8.58 -33.80 4.06
C ASP B 146 8.58 -33.89 5.58
N ILE B 147 9.40 -33.09 6.24
CA ILE B 147 9.48 -33.15 7.70
C ILE B 147 9.25 -31.82 8.40
N SER B 148 8.32 -31.83 9.35
CA SER B 148 7.99 -30.64 10.13
C SER B 148 8.45 -30.88 11.55
N VAL B 149 9.01 -29.85 12.17
CA VAL B 149 9.49 -29.96 13.54
C VAL B 149 8.96 -28.84 14.42
N ALA B 150 9.01 -29.08 15.73
CA ALA B 150 8.53 -28.14 16.74
C ALA B 150 9.51 -27.03 17.04
N ALA B 151 8.99 -25.81 17.13
CA ALA B 151 9.78 -24.64 17.46
C ALA B 151 9.16 -24.04 18.71
N TYR B 152 9.98 -23.41 19.55
CA TYR B 152 9.47 -22.83 20.79
C TYR B 152 9.86 -21.38 21.01
N PRO B 153 9.00 -20.45 20.58
CA PRO B 153 9.24 -19.01 20.73
C PRO B 153 9.59 -18.61 22.16
N GLU B 154 9.01 -19.29 23.14
CA GLU B 154 9.26 -18.97 24.53
C GLU B 154 10.15 -20.01 25.22
N VAL B 155 10.85 -20.77 24.38
CA VAL B 155 11.81 -21.80 24.81
C VAL B 155 11.22 -23.05 25.45
N HIS B 156 11.64 -24.21 24.96
CA HIS B 156 11.19 -25.47 25.52
C HIS B 156 11.61 -25.50 26.99
N PRO B 157 10.72 -25.91 27.90
CA PRO B 157 11.04 -25.95 29.33
C PRO B 157 12.28 -26.72 29.78
N GLU B 158 12.76 -27.66 28.96
CA GLU B 158 13.94 -28.43 29.33
C GLU B 158 15.25 -27.92 28.74
N ALA B 159 15.18 -26.88 27.91
CA ALA B 159 16.38 -26.33 27.29
C ALA B 159 17.32 -25.74 28.33
N LYS B 160 18.62 -25.89 28.10
CA LYS B 160 19.64 -25.37 29.01
C LYS B 160 19.67 -23.85 28.90
N SER B 161 19.27 -23.35 27.75
CA SER B 161 19.23 -21.93 27.50
C SER B 161 18.45 -21.66 26.22
N ALA B 162 18.07 -20.41 26.01
CA ALA B 162 17.33 -20.03 24.81
C ALA B 162 18.25 -20.27 23.63
N GLN B 163 19.54 -20.04 23.83
CA GLN B 163 20.52 -20.24 22.75
C GLN B 163 20.58 -21.71 22.34
N ALA B 164 20.60 -22.59 23.33
CA ALA B 164 20.67 -24.02 23.07
C ALA B 164 19.43 -24.49 22.34
N ASP B 165 18.26 -24.02 22.78
CA ASP B 165 17.01 -24.42 22.15
C ASP B 165 16.97 -23.95 20.70
N LEU B 166 17.48 -22.74 20.46
CA LEU B 166 17.51 -22.15 19.13
C LEU B 166 18.47 -22.96 18.24
N LEU B 167 19.63 -23.31 18.79
CA LEU B 167 20.62 -24.09 18.07
C LEU B 167 20.05 -25.46 17.75
N ASN B 168 19.23 -25.97 18.66
CA ASN B 168 18.60 -27.27 18.44
C ASN B 168 17.66 -27.21 17.25
N LEU B 169 16.91 -26.11 17.12
CA LEU B 169 16.01 -25.97 15.98
C LEU B 169 16.85 -25.97 14.70
N LYS B 170 17.96 -25.26 14.73
CA LYS B 170 18.84 -25.19 13.56
C LYS B 170 19.35 -26.59 13.22
N ARG B 171 19.63 -27.38 14.25
CA ARG B 171 20.10 -28.74 14.07
C ARG B 171 19.03 -29.56 13.34
N LYS B 172 17.79 -29.43 13.78
CA LYS B 172 16.69 -30.16 13.15
C LYS B 172 16.49 -29.76 11.69
N VAL B 173 16.62 -28.49 11.40
CA VAL B 173 16.45 -28.03 10.02
C VAL B 173 17.61 -28.54 9.16
N ASP B 174 18.82 -28.43 9.68
CA ASP B 174 20.00 -28.88 8.95
C ASP B 174 19.93 -30.38 8.67
N ALA B 175 19.26 -31.13 9.53
CA ALA B 175 19.13 -32.57 9.36
C ALA B 175 18.07 -32.94 8.33
N GLY B 176 17.24 -31.98 7.92
CA GLY B 176 16.23 -32.30 6.92
C GLY B 176 14.84 -31.72 7.10
N ALA B 177 14.57 -31.05 8.22
CA ALA B 177 13.25 -30.48 8.44
C ALA B 177 13.01 -29.33 7.47
N ASN B 178 11.92 -29.40 6.70
CA ASN B 178 11.64 -28.33 5.74
C ASN B 178 10.67 -27.27 6.25
N ARG B 179 10.28 -27.38 7.51
CA ARG B 179 9.41 -26.37 8.11
C ARG B 179 9.33 -26.54 9.62
N ALA B 180 9.11 -25.42 10.30
CA ALA B 180 8.99 -25.42 11.75
C ALA B 180 7.61 -24.90 12.12
N ILE B 181 7.00 -25.53 13.11
CA ILE B 181 5.68 -25.14 13.59
C ILE B 181 5.84 -24.82 15.07
N THR B 182 5.42 -23.62 15.47
CA THR B 182 5.58 -23.21 16.86
C THR B 182 4.54 -23.75 17.82
N GLN B 183 4.94 -23.79 19.10
CA GLN B 183 4.07 -24.17 20.18
C GLN B 183 3.14 -22.95 20.15
N PHE B 184 1.95 -23.03 20.72
CA PHE B 184 1.06 -21.88 20.68
C PHE B 184 1.62 -20.78 21.58
N PHE B 185 1.15 -19.56 21.37
CA PHE B 185 1.58 -18.41 22.14
C PHE B 185 0.47 -17.36 22.13
N PHE B 186 0.50 -16.46 23.11
CA PHE B 186 -0.49 -15.39 23.18
C PHE B 186 0.18 -14.03 23.19
N ASP B 187 1.50 -14.04 23.37
CA ASP B 187 2.30 -12.81 23.34
C ASP B 187 2.82 -12.77 21.91
N VAL B 188 2.16 -11.99 21.07
CA VAL B 188 2.55 -11.89 19.67
C VAL B 188 3.99 -11.43 19.46
N GLU B 189 4.43 -10.49 20.28
CA GLU B 189 5.80 -9.99 20.15
C GLU B 189 6.83 -11.09 20.36
N SER B 190 6.55 -12.05 21.22
CA SER B 190 7.48 -13.14 21.46
C SER B 190 7.71 -13.94 20.19
N TYR B 191 6.65 -14.17 19.43
CA TYR B 191 6.79 -14.90 18.17
C TYR B 191 7.63 -14.07 17.18
N LEU B 192 7.30 -12.79 17.06
CA LEU B 192 8.01 -11.92 16.13
C LEU B 192 9.50 -11.83 16.46
N ARG B 193 9.83 -11.66 17.74
CA ARG B 193 11.23 -11.60 18.15
C ARG B 193 11.93 -12.91 17.81
N PHE B 194 11.26 -14.03 18.09
CA PHE B 194 11.82 -15.36 17.83
C PHE B 194 12.07 -15.54 16.33
N ARG B 195 11.16 -15.05 15.50
CA ARG B 195 11.34 -15.18 14.06
C ARG B 195 12.62 -14.45 13.63
N ASP B 196 12.85 -13.27 14.19
CA ASP B 196 14.06 -12.52 13.87
C ASP B 196 15.31 -13.27 14.35
N ARG B 197 15.24 -13.88 15.53
CA ARG B 197 16.39 -14.62 16.06
C ARG B 197 16.69 -15.83 15.19
N CYS B 198 15.65 -16.42 14.59
CA CYS B 198 15.87 -17.57 13.73
C CYS B 198 16.68 -17.13 12.52
N VAL B 199 16.39 -15.94 12.01
CA VAL B 199 17.15 -15.42 10.87
C VAL B 199 18.60 -15.23 11.31
N SER B 200 18.81 -14.61 12.47
CA SER B 200 20.16 -14.37 12.96
C SER B 200 20.93 -15.68 13.11
N ALA B 201 20.23 -16.76 13.42
CA ALA B 201 20.85 -18.06 13.58
C ALA B 201 21.06 -18.74 12.23
N GLY B 202 20.63 -18.09 11.15
CA GLY B 202 20.80 -18.67 9.83
C GLY B 202 19.78 -19.71 9.42
N ILE B 203 18.66 -19.81 10.14
CA ILE B 203 17.61 -20.77 9.82
C ILE B 203 16.78 -20.23 8.64
N ASP B 204 16.77 -20.97 7.53
CA ASP B 204 16.09 -20.51 6.33
C ASP B 204 14.69 -21.03 6.04
N VAL B 205 14.07 -21.72 6.99
CA VAL B 205 12.72 -22.21 6.77
C VAL B 205 11.74 -21.27 7.46
N GLU B 206 10.51 -21.24 6.96
CA GLU B 206 9.49 -20.39 7.57
C GLU B 206 9.15 -20.93 8.94
N ILE B 207 8.92 -20.03 9.90
CA ILE B 207 8.55 -20.42 11.24
C ILE B 207 7.03 -20.25 11.28
N ILE B 208 6.32 -21.34 11.07
CA ILE B 208 4.86 -21.31 11.04
C ILE B 208 4.23 -21.20 12.42
N PRO B 209 3.46 -20.13 12.66
CA PRO B 209 2.84 -19.99 13.97
C PRO B 209 1.73 -21.02 14.23
N GLY B 210 1.81 -21.66 15.38
CA GLY B 210 0.79 -22.62 15.78
C GLY B 210 -0.22 -21.79 16.54
N ILE B 211 -1.45 -21.74 16.06
CA ILE B 211 -2.49 -20.94 16.68
C ILE B 211 -3.48 -21.76 17.52
N LEU B 212 -3.65 -21.36 18.78
CA LEU B 212 -4.62 -22.04 19.64
C LEU B 212 -5.84 -21.16 19.91
N PRO B 213 -6.97 -21.41 19.21
CA PRO B 213 -8.18 -20.62 19.43
C PRO B 213 -8.70 -21.10 20.79
N VAL B 214 -8.92 -20.18 21.72
CA VAL B 214 -9.35 -20.58 23.06
C VAL B 214 -10.84 -20.42 23.36
N SER B 215 -11.50 -21.55 23.65
CA SER B 215 -12.91 -21.52 24.03
C SER B 215 -12.97 -22.01 25.47
N ASN B 216 -12.02 -22.85 25.85
CA ASN B 216 -11.93 -23.39 27.20
C ASN B 216 -10.65 -22.85 27.82
N PHE B 217 -10.77 -21.79 28.62
CA PHE B 217 -9.60 -21.17 29.23
C PHE B 217 -8.90 -22.05 30.28
N LYS B 218 -9.69 -22.73 31.11
CA LYS B 218 -9.11 -23.60 32.13
C LYS B 218 -8.17 -24.61 31.46
N GLN B 219 -8.63 -25.19 30.36
CA GLN B 219 -7.84 -26.16 29.63
C GLN B 219 -6.57 -25.52 29.03
N ALA B 220 -6.74 -24.34 28.44
CA ALA B 220 -5.61 -23.65 27.83
C ALA B 220 -4.55 -23.27 28.87
N LYS B 221 -5.00 -22.79 30.02
CA LYS B 221 -4.09 -22.40 31.09
C LYS B 221 -3.28 -23.61 31.56
N LYS B 222 -3.91 -24.78 31.58
CA LYS B 222 -3.24 -26.01 31.99
C LYS B 222 -2.16 -26.36 30.95
N PHE B 223 -2.52 -26.27 29.67
CA PHE B 223 -1.56 -26.56 28.60
C PHE B 223 -0.39 -25.57 28.74
N ALA B 224 -0.74 -24.29 28.84
CA ALA B 224 0.26 -23.22 28.96
C ALA B 224 1.22 -23.38 30.13
N ASP B 225 0.68 -23.64 31.32
CA ASP B 225 1.51 -23.79 32.50
C ASP B 225 2.49 -24.96 32.40
N MET B 226 2.10 -25.96 31.62
CA MET B 226 2.95 -27.13 31.40
C MET B 226 4.01 -26.86 30.34
N THR B 227 3.78 -25.82 29.53
CA THR B 227 4.69 -25.52 28.44
C THR B 227 5.44 -24.19 28.48
N ASN B 228 5.42 -23.51 29.63
CA ASN B 228 6.11 -22.24 29.77
C ASN B 228 5.61 -21.10 28.88
N VAL B 229 4.38 -21.22 28.40
CA VAL B 229 3.79 -20.19 27.54
C VAL B 229 3.14 -19.11 28.41
N ARG B 230 3.48 -17.86 28.12
CA ARG B 230 2.95 -16.73 28.87
C ARG B 230 1.53 -16.33 28.46
N ILE B 231 0.66 -16.22 29.46
CA ILE B 231 -0.71 -15.77 29.23
C ILE B 231 -0.72 -14.34 29.76
N PRO B 232 -0.84 -13.35 28.87
CA PRO B 232 -0.84 -11.95 29.31
C PRO B 232 -1.91 -11.69 30.37
N ALA B 233 -1.65 -10.68 31.21
CA ALA B 233 -2.58 -10.33 32.26
C ALA B 233 -3.94 -9.93 31.70
N TRP B 234 -3.95 -9.23 30.57
CA TRP B 234 -5.22 -8.81 30.00
C TRP B 234 -6.03 -10.02 29.52
N MET B 235 -5.36 -11.07 29.09
CA MET B 235 -6.05 -12.28 28.61
C MET B 235 -6.68 -13.03 29.79
N ALA B 236 -5.93 -13.16 30.88
CA ALA B 236 -6.46 -13.83 32.05
C ALA B 236 -7.68 -13.06 32.56
N GLN B 237 -7.61 -11.73 32.54
CA GLN B 237 -8.73 -10.90 32.99
C GLN B 237 -9.93 -11.05 32.06
N MET B 238 -9.64 -11.24 30.78
CA MET B 238 -10.68 -11.41 29.77
C MET B 238 -11.53 -12.65 30.00
N PHE B 239 -10.92 -13.73 30.51
CA PHE B 239 -11.65 -14.96 30.75
C PHE B 239 -12.15 -15.12 32.18
N ASP B 240 -11.72 -14.22 33.05
CA ASP B 240 -12.14 -14.26 34.44
C ASP B 240 -13.65 -14.11 34.53
N GLY B 241 -14.28 -14.96 35.35
CA GLY B 241 -15.72 -14.90 35.52
C GLY B 241 -16.54 -15.63 34.47
N LEU B 242 -15.88 -16.32 33.55
CA LEU B 242 -16.59 -17.03 32.49
C LEU B 242 -16.58 -18.56 32.61
N ASP B 243 -16.18 -19.06 33.77
CA ASP B 243 -16.14 -20.51 33.99
C ASP B 243 -17.40 -21.23 33.51
N ASP B 244 -18.56 -20.64 33.75
CA ASP B 244 -19.82 -21.26 33.33
C ASP B 244 -20.54 -20.56 32.20
N ASP B 245 -19.79 -19.81 31.40
CA ASP B 245 -20.38 -19.09 30.27
C ASP B 245 -19.62 -19.46 29.00
N ALA B 246 -19.94 -20.63 28.43
CA ALA B 246 -19.27 -21.10 27.24
C ALA B 246 -19.47 -20.20 26.02
N GLU B 247 -20.66 -19.59 25.91
CA GLU B 247 -20.95 -18.73 24.78
C GLU B 247 -20.03 -17.50 24.78
N THR B 248 -19.96 -16.81 25.91
CA THR B 248 -19.10 -15.62 25.99
C THR B 248 -17.64 -16.01 25.81
N ARG B 249 -17.24 -17.16 26.34
CA ARG B 249 -15.84 -17.60 26.19
C ARG B 249 -15.48 -17.73 24.72
N LYS B 250 -16.38 -18.33 23.95
CA LYS B 250 -16.15 -18.52 22.52
C LYS B 250 -16.01 -17.20 21.77
N LEU B 251 -16.87 -16.24 22.08
CA LEU B 251 -16.82 -14.94 21.41
C LEU B 251 -15.53 -14.20 21.76
N VAL B 252 -15.17 -14.21 23.05
CA VAL B 252 -13.96 -13.56 23.53
C VAL B 252 -12.71 -14.23 22.94
N GLY B 253 -12.72 -15.56 22.91
CA GLY B 253 -11.59 -16.30 22.37
C GLY B 253 -11.42 -16.08 20.87
N ALA B 254 -12.53 -16.01 20.14
CA ALA B 254 -12.44 -15.80 18.70
C ALA B 254 -11.86 -14.42 18.43
N ASN B 255 -12.30 -13.44 19.24
CA ASN B 255 -11.82 -12.07 19.10
C ASN B 255 -10.29 -12.05 19.29
N ILE B 256 -9.80 -12.75 20.31
CA ILE B 256 -8.37 -12.81 20.57
C ILE B 256 -7.60 -13.43 19.39
N ALA B 257 -8.08 -14.58 18.92
CA ALA B 257 -7.43 -15.27 17.81
C ALA B 257 -7.47 -14.48 16.51
N MET B 258 -8.60 -13.83 16.26
CA MET B 258 -8.75 -13.03 15.03
C MET B 258 -7.79 -11.83 15.08
N ASP B 259 -7.67 -11.23 16.25
CA ASP B 259 -6.79 -10.09 16.44
C ASP B 259 -5.34 -10.56 16.19
N MET B 260 -5.01 -11.73 16.75
CA MET B 260 -3.68 -12.30 16.59
C MET B 260 -3.27 -12.56 15.14
N VAL B 261 -4.12 -13.21 14.37
CA VAL B 261 -3.73 -13.51 13.00
C VAL B 261 -3.75 -12.29 12.08
N LYS B 262 -4.52 -11.27 12.46
CA LYS B 262 -4.56 -10.04 11.67
C LYS B 262 -3.22 -9.31 11.78
N ILE B 263 -2.69 -9.25 13.00
CA ILE B 263 -1.39 -8.62 13.26
C ILE B 263 -0.26 -9.45 12.62
N LEU B 264 -0.34 -10.77 12.78
CA LEU B 264 0.67 -11.66 12.19
C LEU B 264 0.66 -11.54 10.67
N SER B 265 -0.53 -11.51 10.08
CA SER B 265 -0.66 -11.36 8.63
C SER B 265 -0.01 -10.07 8.15
N ARG B 266 -0.20 -8.99 8.90
CA ARG B 266 0.37 -7.70 8.51
C ARG B 266 1.90 -7.74 8.59
N GLU B 267 2.43 -8.57 9.47
CA GLU B 267 3.88 -8.70 9.62
C GLU B 267 4.49 -9.66 8.61
N GLY B 268 3.69 -10.06 7.63
CA GLY B 268 4.18 -10.95 6.59
C GLY B 268 3.94 -12.45 6.73
N VAL B 269 3.30 -12.89 7.81
CA VAL B 269 3.04 -14.31 7.99
C VAL B 269 1.96 -14.75 7.01
N LYS B 270 2.26 -15.77 6.23
CA LYS B 270 1.33 -16.28 5.23
C LYS B 270 1.01 -17.75 5.43
N ASP B 271 1.42 -18.29 6.56
CA ASP B 271 1.16 -19.70 6.89
C ASP B 271 0.71 -19.80 8.33
N PHE B 272 -0.37 -20.53 8.57
CA PHE B 272 -0.89 -20.69 9.93
C PHE B 272 -1.28 -22.15 10.19
N HIS B 273 -0.90 -22.65 11.36
CA HIS B 273 -1.23 -24.02 11.78
C HIS B 273 -2.18 -23.91 12.97
N PHE B 274 -3.37 -24.49 12.85
CA PHE B 274 -4.37 -24.41 13.90
C PHE B 274 -4.55 -25.64 14.78
N TYR B 275 -4.44 -25.42 16.09
CA TYR B 275 -4.66 -26.48 17.08
C TYR B 275 -6.18 -26.45 17.30
N THR B 276 -6.87 -27.23 16.48
CA THR B 276 -8.33 -27.28 16.53
C THR B 276 -8.93 -28.02 17.70
N LEU B 277 -8.16 -28.91 18.32
CA LEU B 277 -8.70 -29.72 19.42
C LEU B 277 -9.95 -30.43 18.88
N ASN B 278 -9.94 -30.72 17.59
CA ASN B 278 -11.02 -31.43 16.90
C ASN B 278 -12.32 -30.66 16.66
N ARG B 279 -12.34 -29.38 16.99
CA ARG B 279 -13.52 -28.56 16.78
C ARG B 279 -13.22 -27.64 15.59
N ALA B 280 -14.20 -27.42 14.73
CA ALA B 280 -13.96 -26.61 13.54
C ALA B 280 -14.44 -25.17 13.58
N GLU B 281 -15.51 -24.90 14.33
CA GLU B 281 -16.11 -23.57 14.39
C GLU B 281 -15.17 -22.38 14.50
N MET B 282 -14.34 -22.37 15.54
CA MET B 282 -13.41 -21.25 15.74
C MET B 282 -12.37 -21.13 14.65
N SER B 283 -11.66 -22.22 14.36
CA SER B 283 -10.64 -22.19 13.33
C SER B 283 -11.24 -21.84 11.96
N TYR B 284 -12.44 -22.34 11.71
CA TYR B 284 -13.11 -22.07 10.43
C TYR B 284 -13.35 -20.56 10.27
N ALA B 285 -13.84 -19.93 11.33
CA ALA B 285 -14.12 -18.48 11.32
C ALA B 285 -12.83 -17.66 11.23
N ILE B 286 -11.79 -18.10 11.96
CA ILE B 286 -10.53 -17.36 11.90
C ILE B 286 -9.99 -17.42 10.48
N CYS B 287 -10.09 -18.59 9.85
CA CYS B 287 -9.64 -18.74 8.47
C CYS B 287 -10.47 -17.83 7.57
N HIS B 288 -11.77 -17.73 7.84
CA HIS B 288 -12.63 -16.86 7.04
C HIS B 288 -12.07 -15.44 7.03
N THR B 289 -11.69 -14.93 8.21
CA THR B 289 -11.16 -13.57 8.27
C THR B 289 -9.85 -13.43 7.48
N LEU B 290 -9.13 -14.53 7.32
CA LEU B 290 -7.87 -14.53 6.57
C LEU B 290 -8.11 -14.69 5.08
N GLY B 291 -9.38 -14.73 4.67
CA GLY B 291 -9.69 -14.89 3.26
C GLY B 291 -9.67 -16.34 2.80
N VAL B 292 -9.49 -17.25 3.75
CA VAL B 292 -9.48 -18.69 3.45
C VAL B 292 -10.93 -19.17 3.57
N ARG B 293 -11.59 -19.26 2.43
CA ARG B 293 -13.00 -19.64 2.38
C ARG B 293 -13.26 -20.75 1.36
N PRO B 294 -14.38 -21.47 1.51
CA PRO B 294 -14.69 -22.55 0.56
C PRO B 294 -15.03 -22.05 -0.84
N GLN C 22 20.44 16.84 0.92
CA GLN C 22 20.16 15.83 1.99
C GLN C 22 19.69 14.50 1.40
N ILE C 23 18.94 14.57 0.30
CA ILE C 23 18.41 13.38 -0.36
C ILE C 23 19.15 13.07 -1.67
N ASN C 24 19.52 11.81 -1.84
CA ASN C 24 20.21 11.38 -3.05
C ASN C 24 19.23 10.60 -3.93
N VAL C 25 19.35 10.78 -5.24
CA VAL C 25 18.47 10.07 -6.16
C VAL C 25 19.27 9.40 -7.29
N SER C 26 18.69 8.35 -7.85
CA SER C 26 19.28 7.65 -8.97
C SER C 26 18.14 7.35 -9.95
N PHE C 27 18.48 7.20 -11.22
CA PHE C 27 17.49 6.92 -12.24
C PHE C 27 17.86 5.69 -13.03
N GLU C 28 16.86 4.87 -13.34
CA GLU C 28 17.08 3.65 -14.11
C GLU C 28 16.44 3.80 -15.48
N PHE C 29 17.19 3.42 -16.52
CA PHE C 29 16.72 3.49 -17.90
C PHE C 29 16.88 2.13 -18.56
N PHE C 30 16.27 1.96 -19.74
CA PHE C 30 16.41 0.70 -20.47
C PHE C 30 16.86 1.00 -21.90
N PRO C 31 17.59 0.07 -22.52
CA PRO C 31 18.08 0.26 -23.89
C PRO C 31 16.93 0.43 -24.88
N PRO C 32 16.89 1.56 -25.60
CA PRO C 32 15.82 1.78 -26.58
C PRO C 32 15.89 0.75 -27.70
N ARG C 33 14.73 0.28 -28.17
CA ARG C 33 14.71 -0.70 -29.25
C ARG C 33 14.20 -0.11 -30.56
N THR C 34 13.75 1.15 -30.52
CA THR C 34 13.25 1.84 -31.70
C THR C 34 13.83 3.25 -31.74
N SER C 35 13.80 3.85 -32.92
CA SER C 35 14.30 5.20 -33.12
C SER C 35 13.55 6.18 -32.24
N GLU C 36 12.23 6.01 -32.15
CA GLU C 36 11.43 6.91 -31.32
C GLU C 36 11.82 6.84 -29.85
N MET C 37 11.99 5.63 -29.32
CA MET C 37 12.37 5.50 -27.92
C MET C 37 13.78 6.04 -27.70
N GLU C 38 14.65 5.91 -28.70
CA GLU C 38 16.01 6.41 -28.57
C GLU C 38 15.97 7.93 -28.38
N GLN C 39 15.12 8.61 -29.13
CA GLN C 39 15.01 10.07 -29.00
C GLN C 39 14.48 10.42 -27.61
N THR C 40 13.45 9.69 -27.18
CA THR C 40 12.84 9.93 -25.88
C THR C 40 13.85 9.79 -24.76
N LEU C 41 14.64 8.73 -24.81
CA LEU C 41 15.65 8.47 -23.79
C LEU C 41 16.65 9.60 -23.62
N TRP C 42 17.27 10.03 -24.72
CA TRP C 42 18.25 11.10 -24.60
C TRP C 42 17.62 12.41 -24.12
N ASN C 43 16.37 12.64 -24.46
CA ASN C 43 15.69 13.84 -23.98
C ASN C 43 15.58 13.74 -22.47
N SER C 44 15.21 12.55 -22.00
CA SER C 44 15.05 12.31 -20.57
C SER C 44 16.39 12.39 -19.82
N ILE C 45 17.44 11.88 -20.43
CA ILE C 45 18.77 11.92 -19.81
C ILE C 45 19.18 13.37 -19.56
N ASP C 46 19.03 14.20 -20.60
CA ASP C 46 19.39 15.61 -20.46
C ASP C 46 18.57 16.27 -19.36
N ARG C 47 17.27 16.00 -19.33
CA ARG C 47 16.39 16.57 -18.33
C ARG C 47 16.77 16.14 -16.91
N LEU C 48 16.94 14.83 -16.72
CA LEU C 48 17.28 14.30 -15.40
C LEU C 48 18.70 14.51 -14.94
N SER C 49 19.65 14.63 -15.86
CA SER C 49 21.03 14.82 -15.46
C SER C 49 21.23 16.13 -14.70
N SER C 50 20.39 17.12 -14.99
CA SER C 50 20.48 18.43 -14.32
C SER C 50 20.22 18.33 -12.82
N LEU C 51 19.59 17.24 -12.39
CA LEU C 51 19.30 17.04 -10.97
C LEU C 51 20.48 16.39 -10.24
N LYS C 52 21.57 16.19 -10.97
CA LYS C 52 22.80 15.62 -10.42
C LYS C 52 22.57 14.35 -9.59
N PRO C 53 22.04 13.29 -10.22
CA PRO C 53 21.81 12.05 -9.47
C PRO C 53 23.15 11.46 -9.05
N LYS C 54 23.15 10.71 -7.95
CA LYS C 54 24.39 10.08 -7.47
C LYS C 54 24.87 9.10 -8.55
N PHE C 55 23.92 8.52 -9.27
CA PHE C 55 24.25 7.59 -10.35
C PHE C 55 22.99 7.26 -11.14
N VAL C 56 23.18 6.69 -12.33
CA VAL C 56 22.05 6.24 -13.14
C VAL C 56 22.41 4.82 -13.54
N SER C 57 21.41 4.02 -13.89
CA SER C 57 21.68 2.64 -14.27
C SER C 57 20.91 2.30 -15.53
N VAL C 58 21.38 1.27 -16.22
CA VAL C 58 20.75 0.84 -17.45
C VAL C 58 20.53 -0.67 -17.37
N THR C 59 19.28 -1.08 -17.58
CA THR C 59 18.91 -2.49 -17.49
C THR C 59 19.44 -3.35 -18.63
N TYR C 60 19.35 -4.66 -18.41
CA TYR C 60 19.81 -5.65 -19.38
C TYR C 60 18.66 -6.54 -19.81
N GLY C 61 18.55 -6.74 -21.13
CA GLY C 61 17.51 -7.59 -21.67
C GLY C 61 18.14 -8.70 -22.49
N ALA C 62 18.19 -9.89 -21.92
CA ALA C 62 18.80 -11.04 -22.58
C ALA C 62 18.36 -11.20 -24.04
N ASN C 63 17.06 -11.14 -24.28
CA ASN C 63 16.56 -11.29 -25.65
C ASN C 63 15.90 -10.00 -26.13
N SER C 64 16.35 -8.88 -25.57
CA SER C 64 15.79 -7.59 -25.94
C SER C 64 16.85 -6.49 -25.95
N GLY C 65 18.01 -6.78 -26.53
CA GLY C 65 19.06 -5.78 -26.59
C GLY C 65 20.46 -6.32 -26.34
N GLU C 66 20.56 -7.27 -25.40
CA GLU C 66 21.85 -7.89 -25.06
C GLU C 66 22.79 -6.94 -24.32
N ARG C 67 23.94 -7.46 -23.93
CA ARG C 67 24.91 -6.65 -23.21
C ARG C 67 25.45 -5.45 -24.02
N ASP C 68 25.61 -5.61 -25.33
CA ASP C 68 26.14 -4.49 -26.10
C ASP C 68 25.24 -3.25 -26.08
N ARG C 69 23.93 -3.43 -26.18
CA ARG C 69 23.04 -2.27 -26.14
C ARG C 69 23.09 -1.61 -24.76
N THR C 70 23.09 -2.42 -23.70
CA THR C 70 23.17 -1.88 -22.35
C THR C 70 24.46 -1.08 -22.23
N HIS C 71 25.56 -1.66 -22.71
CA HIS C 71 26.87 -1.02 -22.65
C HIS C 71 26.92 0.28 -23.46
N SER C 72 26.33 0.25 -24.66
CA SER C 72 26.33 1.42 -25.53
C SER C 72 25.69 2.62 -24.84
N ILE C 73 24.54 2.39 -24.21
CA ILE C 73 23.83 3.45 -23.51
C ILE C 73 24.63 3.96 -22.32
N ILE C 74 25.26 3.04 -21.58
CA ILE C 74 26.08 3.44 -20.44
C ILE C 74 27.19 4.39 -20.92
N LYS C 75 27.90 3.98 -21.97
CA LYS C 75 28.98 4.78 -22.52
C LYS C 75 28.47 6.14 -23.01
N GLY C 76 27.32 6.14 -23.67
CA GLY C 76 26.75 7.38 -24.16
C GLY C 76 26.42 8.35 -23.02
N ILE C 77 25.81 7.82 -21.96
CA ILE C 77 25.46 8.64 -20.80
C ILE C 77 26.73 9.25 -20.20
N LYS C 78 27.75 8.42 -20.02
CA LYS C 78 29.00 8.87 -19.44
C LYS C 78 29.63 9.97 -20.29
N ASP C 79 29.74 9.72 -21.60
CA ASP C 79 30.34 10.70 -22.51
C ASP C 79 29.56 12.00 -22.56
N ARG C 80 28.24 11.89 -22.61
CA ARG C 80 27.39 13.07 -22.70
C ARG C 80 27.18 13.86 -21.41
N THR C 81 27.14 13.18 -20.27
CA THR C 81 26.86 13.84 -18.99
C THR C 81 27.93 13.81 -17.90
N GLY C 82 28.86 12.88 -17.99
CA GLY C 82 29.89 12.78 -16.96
C GLY C 82 29.35 12.10 -15.70
N LEU C 83 28.09 11.68 -15.73
CA LEU C 83 27.50 11.03 -14.57
C LEU C 83 27.97 9.59 -14.42
N GLU C 84 27.94 9.09 -13.19
CA GLU C 84 28.34 7.70 -12.95
C GLU C 84 27.19 6.87 -13.49
N ALA C 85 27.50 5.96 -14.42
CA ALA C 85 26.48 5.11 -15.03
C ALA C 85 26.79 3.65 -14.76
N ALA C 86 25.82 2.95 -14.16
CA ALA C 86 26.00 1.54 -13.80
C ALA C 86 25.19 0.58 -14.65
N PRO C 87 25.87 -0.33 -15.35
CA PRO C 87 25.12 -1.29 -16.18
C PRO C 87 24.55 -2.37 -15.28
N HIS C 88 23.41 -2.93 -15.65
CA HIS C 88 22.88 -4.05 -14.89
C HIS C 88 23.53 -5.25 -15.58
N LEU C 89 24.23 -6.06 -14.80
CA LEU C 89 24.91 -7.24 -15.34
C LEU C 89 24.36 -8.50 -14.68
N THR C 90 23.93 -9.46 -15.50
CA THR C 90 23.38 -10.72 -14.98
C THR C 90 24.33 -11.85 -15.33
N CYS C 91 24.11 -13.04 -14.77
CA CYS C 91 24.99 -14.15 -15.09
C CYS C 91 24.34 -15.33 -15.79
N ILE C 92 23.19 -15.11 -16.42
CA ILE C 92 22.50 -16.16 -17.14
C ILE C 92 23.13 -16.44 -18.51
N ASP C 93 23.41 -17.70 -18.79
CA ASP C 93 24.03 -18.10 -20.05
C ASP C 93 25.39 -17.45 -20.25
N ALA C 94 26.02 -17.07 -19.14
CA ALA C 94 27.35 -16.45 -19.19
C ALA C 94 28.32 -17.24 -18.31
N THR C 95 29.52 -17.48 -18.82
CA THR C 95 30.50 -18.23 -18.06
C THR C 95 31.30 -17.30 -17.15
N PRO C 96 31.82 -17.82 -16.04
CA PRO C 96 32.60 -16.99 -15.12
C PRO C 96 33.75 -16.31 -15.86
N ASP C 97 34.41 -17.03 -16.76
CA ASP C 97 35.52 -16.44 -17.52
C ASP C 97 35.01 -15.30 -18.38
N GLU C 98 33.85 -15.46 -18.98
CA GLU C 98 33.27 -14.40 -19.80
C GLU C 98 32.98 -13.18 -18.92
N LEU C 99 32.35 -13.43 -17.77
CA LEU C 99 31.99 -12.36 -16.85
C LEU C 99 33.23 -11.60 -16.36
N ARG C 100 34.33 -12.32 -16.14
CA ARG C 100 35.56 -11.67 -15.68
C ARG C 100 36.13 -10.78 -16.78
N THR C 101 36.11 -11.27 -18.02
CA THR C 101 36.62 -10.50 -19.14
C THR C 101 35.80 -9.22 -19.33
N ILE C 102 34.48 -9.34 -19.21
CA ILE C 102 33.60 -8.19 -19.36
C ILE C 102 33.82 -7.15 -18.26
N ALA C 103 33.87 -7.61 -17.02
CA ALA C 103 34.08 -6.72 -15.87
C ALA C 103 35.40 -5.98 -15.99
N ARG C 104 36.43 -6.68 -16.42
CA ARG C 104 37.75 -6.08 -16.58
C ARG C 104 37.68 -4.96 -17.62
N ASP C 105 36.99 -5.22 -18.72
CA ASP C 105 36.85 -4.23 -19.78
C ASP C 105 36.09 -3.01 -19.28
N TYR C 106 35.01 -3.25 -18.54
CA TYR C 106 34.22 -2.15 -17.99
C TYR C 106 35.04 -1.29 -17.04
N TRP C 107 35.78 -1.94 -16.14
CA TRP C 107 36.60 -1.22 -15.19
C TRP C 107 37.65 -0.38 -15.93
N ASN C 108 38.32 -1.00 -16.89
CA ASN C 108 39.35 -0.32 -17.64
C ASN C 108 38.79 0.86 -18.43
N ASN C 109 37.49 0.84 -18.68
CA ASN C 109 36.86 1.93 -19.41
C ASN C 109 36.11 2.90 -18.51
N GLY C 110 36.44 2.89 -17.24
CA GLY C 110 35.80 3.82 -16.32
C GLY C 110 34.47 3.46 -15.70
N ILE C 111 33.93 2.28 -15.99
CA ILE C 111 32.66 1.87 -15.41
C ILE C 111 33.01 1.19 -14.09
N ARG C 112 32.82 1.91 -12.99
CA ARG C 112 33.18 1.38 -11.67
C ARG C 112 32.04 1.05 -10.72
N HIS C 113 30.82 1.00 -11.23
CA HIS C 113 29.63 0.68 -10.44
C HIS C 113 28.81 -0.24 -11.34
N ILE C 114 28.47 -1.41 -10.82
CA ILE C 114 27.68 -2.39 -11.55
C ILE C 114 26.53 -2.84 -10.66
N VAL C 115 25.37 -3.08 -11.27
CA VAL C 115 24.21 -3.58 -10.53
C VAL C 115 24.29 -5.07 -10.85
N ALA C 116 24.73 -5.85 -9.87
CA ALA C 116 24.91 -7.29 -10.03
C ALA C 116 23.65 -8.08 -9.77
N LEU C 117 23.19 -8.78 -10.80
CA LEU C 117 21.95 -9.56 -10.72
C LEU C 117 22.12 -10.96 -11.28
N ARG C 118 21.22 -11.86 -10.92
CA ARG C 118 21.28 -13.22 -11.44
C ARG C 118 20.58 -13.28 -12.78
N GLY C 119 19.40 -12.64 -12.86
CA GLY C 119 18.60 -12.69 -14.07
C GLY C 119 17.65 -13.87 -13.86
N ASP C 120 16.51 -13.89 -14.54
CA ASP C 120 15.56 -14.99 -14.37
C ASP C 120 16.12 -16.28 -14.96
N LEU C 121 15.63 -17.42 -14.48
CA LEU C 121 16.08 -18.71 -14.96
C LEU C 121 15.53 -19.05 -16.34
N MET C 130 25.04 -20.12 -11.19
CA MET C 130 25.43 -18.96 -10.40
C MET C 130 24.21 -18.20 -9.89
N TYR C 131 24.30 -17.74 -8.65
CA TYR C 131 23.26 -16.92 -8.05
C TYR C 131 23.92 -15.56 -7.98
N ALA C 132 23.13 -14.52 -7.73
CA ALA C 132 23.68 -13.17 -7.67
C ALA C 132 24.89 -13.05 -6.75
N SER C 133 24.88 -13.75 -5.61
CA SER C 133 26.00 -13.66 -4.68
C SER C 133 27.29 -14.15 -5.32
N ASP C 134 27.18 -15.09 -6.24
CA ASP C 134 28.36 -15.61 -6.93
C ASP C 134 28.93 -14.54 -7.85
N LEU C 135 28.06 -13.72 -8.43
CA LEU C 135 28.50 -12.65 -9.32
C LEU C 135 29.18 -11.54 -8.52
N VAL C 136 28.62 -11.22 -7.36
CA VAL C 136 29.21 -10.19 -6.51
C VAL C 136 30.65 -10.57 -6.19
N THR C 137 30.84 -11.82 -5.76
CA THR C 137 32.17 -12.31 -5.42
C THR C 137 33.09 -12.26 -6.63
N LEU C 138 32.62 -12.75 -7.76
CA LEU C 138 33.42 -12.74 -8.98
C LEU C 138 33.89 -11.31 -9.31
N LEU C 139 32.97 -10.36 -9.25
CA LEU C 139 33.30 -8.97 -9.55
C LEU C 139 34.33 -8.37 -8.61
N LYS C 140 34.15 -8.59 -7.30
CA LYS C 140 35.10 -8.04 -6.32
C LYS C 140 36.49 -8.64 -6.52
N GLU C 141 36.57 -9.84 -7.08
CA GLU C 141 37.86 -10.46 -7.34
C GLU C 141 38.53 -9.74 -8.50
N VAL C 142 37.72 -9.28 -9.44
CA VAL C 142 38.26 -8.55 -10.59
C VAL C 142 38.76 -7.18 -10.16
N ALA C 143 37.92 -6.40 -9.49
CA ALA C 143 38.30 -5.07 -9.04
C ALA C 143 37.39 -4.55 -7.93
N ASP C 144 37.78 -3.44 -7.32
CA ASP C 144 37.00 -2.85 -6.25
C ASP C 144 35.78 -2.08 -6.77
N PHE C 145 34.88 -2.80 -7.42
CA PHE C 145 33.68 -2.19 -7.97
C PHE C 145 32.72 -1.75 -6.88
N ASP C 146 31.93 -0.73 -7.20
CA ASP C 146 30.88 -0.27 -6.32
C ASP C 146 29.82 -1.25 -6.81
N ILE C 147 29.13 -1.94 -5.90
CA ILE C 147 28.14 -2.93 -6.31
C ILE C 147 26.77 -2.77 -5.66
N SER C 148 25.73 -2.81 -6.48
CA SER C 148 24.35 -2.70 -5.98
C SER C 148 23.65 -4.03 -6.29
N VAL C 149 22.82 -4.51 -5.35
CA VAL C 149 22.09 -5.75 -5.57
C VAL C 149 20.58 -5.57 -5.34
N ALA C 150 19.81 -6.49 -5.88
CA ALA C 150 18.36 -6.47 -5.78
C ALA C 150 17.85 -6.96 -4.42
N ALA C 151 16.86 -6.26 -3.88
CA ALA C 151 16.23 -6.61 -2.61
C ALA C 151 14.72 -6.72 -2.88
N TYR C 152 14.03 -7.60 -2.17
CA TYR C 152 12.60 -7.80 -2.38
C TYR C 152 11.75 -7.71 -1.11
N PRO C 153 11.19 -6.51 -0.86
CA PRO C 153 10.34 -6.28 0.32
C PRO C 153 9.21 -7.31 0.43
N GLU C 154 8.72 -7.77 -0.72
CA GLU C 154 7.62 -8.73 -0.71
C GLU C 154 8.05 -10.12 -1.15
N VAL C 155 9.36 -10.36 -1.02
CA VAL C 155 10.01 -11.64 -1.33
C VAL C 155 10.08 -12.04 -2.80
N HIS C 156 11.26 -12.48 -3.23
CA HIS C 156 11.43 -12.90 -4.61
C HIS C 156 10.52 -14.13 -4.81
N PRO C 157 9.82 -14.20 -5.95
CA PRO C 157 8.90 -15.30 -6.26
C PRO C 157 9.43 -16.73 -6.08
N GLU C 158 10.71 -16.95 -6.35
CA GLU C 158 11.28 -18.30 -6.26
C GLU C 158 11.89 -18.67 -4.92
N ALA C 159 11.94 -17.72 -3.99
CA ALA C 159 12.53 -17.97 -2.69
C ALA C 159 11.80 -19.06 -1.90
N LYS C 160 12.57 -19.89 -1.21
CA LYS C 160 12.04 -20.97 -0.38
C LYS C 160 11.11 -20.38 0.68
N SER C 161 11.48 -19.21 1.18
CA SER C 161 10.70 -18.54 2.21
C SER C 161 11.20 -17.11 2.38
N ALA C 162 10.50 -16.32 3.19
CA ALA C 162 10.90 -14.94 3.43
C ALA C 162 12.25 -14.91 4.13
N GLN C 163 12.43 -15.86 5.06
CA GLN C 163 13.66 -15.96 5.83
C GLN C 163 14.84 -16.25 4.90
N ALA C 164 14.64 -17.18 3.97
CA ALA C 164 15.69 -17.56 3.02
C ALA C 164 16.05 -16.41 2.09
N ASP C 165 15.07 -15.61 1.68
CA ASP C 165 15.36 -14.50 0.78
C ASP C 165 16.13 -13.42 1.51
N LEU C 166 15.80 -13.20 2.78
CA LEU C 166 16.50 -12.20 3.57
C LEU C 166 17.94 -12.64 3.81
N LEU C 167 18.13 -13.94 4.09
CA LEU C 167 19.47 -14.50 4.31
C LEU C 167 20.29 -14.41 3.02
N ASN C 168 19.63 -14.53 1.87
CA ASN C 168 20.33 -14.41 0.61
C ASN C 168 20.81 -12.96 0.40
N LEU C 169 19.97 -11.99 0.77
CA LEU C 169 20.37 -10.59 0.61
C LEU C 169 21.58 -10.35 1.50
N LYS C 170 21.57 -10.94 2.68
CA LYS C 170 22.70 -10.78 3.59
C LYS C 170 23.93 -11.42 2.96
N ARG C 171 23.76 -12.54 2.26
CA ARG C 171 24.89 -13.18 1.61
C ARG C 171 25.48 -12.27 0.53
N LYS C 172 24.61 -11.62 -0.24
CA LYS C 172 25.07 -10.71 -1.29
C LYS C 172 25.82 -9.52 -0.69
N VAL C 173 25.30 -8.97 0.40
CA VAL C 173 25.95 -7.84 1.05
C VAL C 173 27.29 -8.28 1.62
N ASP C 174 27.29 -9.44 2.29
CA ASP C 174 28.52 -9.98 2.88
C ASP C 174 29.56 -10.27 1.82
N ALA C 175 29.11 -10.57 0.59
CA ALA C 175 30.04 -10.87 -0.50
C ALA C 175 30.67 -9.59 -1.06
N GLY C 176 30.10 -8.44 -0.72
CA GLY C 176 30.66 -7.19 -1.21
C GLY C 176 29.70 -6.11 -1.69
N ALA C 177 28.41 -6.41 -1.78
CA ALA C 177 27.44 -5.40 -2.23
C ALA C 177 27.46 -4.17 -1.32
N ASN C 178 27.50 -3.00 -1.94
CA ASN C 178 27.56 -1.71 -1.25
C ASN C 178 26.19 -1.11 -0.92
N ARG C 179 25.15 -1.61 -1.57
CA ARG C 179 23.79 -1.12 -1.33
C ARG C 179 22.80 -2.08 -1.97
N ALA C 180 21.57 -2.01 -1.49
CA ALA C 180 20.50 -2.84 -2.03
C ALA C 180 19.46 -1.89 -2.62
N ILE C 181 18.89 -2.27 -3.75
CA ILE C 181 17.86 -1.48 -4.41
C ILE C 181 16.66 -2.42 -4.46
N THR C 182 15.52 -1.97 -3.97
CA THR C 182 14.35 -2.82 -3.92
C THR C 182 13.52 -2.83 -5.19
N GLN C 183 12.80 -3.93 -5.37
CA GLN C 183 11.87 -4.07 -6.47
C GLN C 183 10.84 -3.00 -6.07
N PHE C 184 10.06 -2.50 -7.01
CA PHE C 184 9.08 -1.50 -6.66
C PHE C 184 8.00 -2.08 -5.76
N PHE C 185 7.27 -1.18 -5.09
CA PHE C 185 6.19 -1.55 -4.17
C PHE C 185 5.18 -0.40 -4.09
N PHE C 186 3.96 -0.72 -3.69
CA PHE C 186 2.93 0.30 -3.54
C PHE C 186 2.35 0.30 -2.13
N ASP C 187 2.76 -0.70 -1.34
CA ASP C 187 2.35 -0.80 0.06
C ASP C 187 3.59 -0.31 0.78
N VAL C 188 3.57 0.96 1.21
CA VAL C 188 4.72 1.55 1.87
C VAL C 188 5.17 0.82 3.14
N GLU C 189 4.21 0.34 3.92
CA GLU C 189 4.55 -0.37 5.15
C GLU C 189 5.35 -1.63 4.84
N SER C 190 5.09 -2.25 3.69
CA SER C 190 5.82 -3.44 3.29
C SER C 190 7.32 -3.11 3.23
N TYR C 191 7.64 -1.96 2.65
CA TYR C 191 9.02 -1.53 2.56
C TYR C 191 9.60 -1.25 3.94
N LEU C 192 8.85 -0.52 4.77
CA LEU C 192 9.31 -0.18 6.11
C LEU C 192 9.57 -1.42 6.97
N ARG C 193 8.66 -2.37 6.95
CA ARG C 193 8.83 -3.59 7.74
C ARG C 193 10.07 -4.35 7.23
N PHE C 194 10.25 -4.38 5.91
CA PHE C 194 11.40 -5.07 5.34
C PHE C 194 12.71 -4.43 5.79
N ARG C 195 12.78 -3.11 5.71
CA ARG C 195 13.97 -2.39 6.14
C ARG C 195 14.32 -2.75 7.59
N ASP C 196 13.30 -2.84 8.44
CA ASP C 196 13.50 -3.19 9.83
C ASP C 196 14.07 -4.61 9.95
N ARG C 197 13.53 -5.54 9.18
CA ARG C 197 14.04 -6.92 9.22
C ARG C 197 15.49 -6.96 8.75
N CYS C 198 15.84 -6.15 7.75
CA CYS C 198 17.21 -6.11 7.24
C CYS C 198 18.16 -5.68 8.34
N VAL C 199 17.79 -4.61 9.04
CA VAL C 199 18.60 -4.09 10.14
C VAL C 199 18.73 -5.13 11.26
N SER C 200 17.63 -5.82 11.57
CA SER C 200 17.67 -6.85 12.61
C SER C 200 18.62 -7.97 12.19
N ALA C 201 18.67 -8.23 10.90
CA ALA C 201 19.53 -9.29 10.36
C ALA C 201 20.99 -8.87 10.24
N GLY C 202 21.28 -7.62 10.60
CA GLY C 202 22.64 -7.13 10.55
C GLY C 202 23.06 -6.62 9.18
N ILE C 203 22.10 -6.43 8.28
CA ILE C 203 22.43 -5.92 6.95
C ILE C 203 22.57 -4.41 7.15
N ASP C 204 23.81 -3.94 7.11
CA ASP C 204 24.11 -2.53 7.36
C ASP C 204 24.16 -1.55 6.20
N VAL C 205 24.00 -2.01 4.96
CA VAL C 205 24.03 -1.06 3.85
C VAL C 205 22.66 -0.42 3.67
N GLU C 206 22.59 0.60 2.82
CA GLU C 206 21.32 1.27 2.61
C GLU C 206 20.40 0.38 1.79
N ILE C 207 19.13 0.37 2.18
CA ILE C 207 18.10 -0.38 1.48
C ILE C 207 17.32 0.71 0.76
N ILE C 208 17.74 0.97 -0.49
CA ILE C 208 17.15 2.02 -1.30
C ILE C 208 15.85 1.64 -1.98
N PRO C 209 14.77 2.36 -1.67
CA PRO C 209 13.51 2.00 -2.32
C PRO C 209 13.50 2.33 -3.81
N GLY C 210 13.05 1.36 -4.59
CA GLY C 210 12.92 1.54 -6.02
C GLY C 210 11.51 2.07 -6.22
N ILE C 211 11.39 3.26 -6.77
CA ILE C 211 10.10 3.90 -6.98
C ILE C 211 9.63 3.84 -8.43
N LEU C 212 8.42 3.33 -8.64
CA LEU C 212 7.85 3.26 -9.98
C LEU C 212 6.69 4.25 -10.13
N PRO C 213 6.94 5.41 -10.78
CA PRO C 213 5.85 6.37 -10.96
C PRO C 213 4.95 5.70 -11.99
N VAL C 214 3.66 5.63 -11.71
CA VAL C 214 2.73 4.98 -12.63
C VAL C 214 1.87 5.91 -13.48
N SER C 215 2.06 5.82 -14.80
CA SER C 215 1.25 6.62 -15.72
C SER C 215 0.50 5.64 -16.63
N ASN C 216 0.98 4.40 -16.66
CA ASN C 216 0.38 3.32 -17.45
C ASN C 216 0.10 2.21 -16.42
N PHE C 217 -1.15 2.12 -15.95
CA PHE C 217 -1.51 1.13 -14.96
C PHE C 217 -1.50 -0.30 -15.50
N LYS C 218 -1.98 -0.48 -16.73
CA LYS C 218 -2.00 -1.79 -17.34
C LYS C 218 -0.59 -2.39 -17.32
N GLN C 219 0.39 -1.59 -17.74
CA GLN C 219 1.78 -2.05 -17.76
C GLN C 219 2.29 -2.31 -16.35
N ALA C 220 1.94 -1.43 -15.41
CA ALA C 220 2.38 -1.58 -14.03
C ALA C 220 1.81 -2.86 -13.42
N LYS C 221 0.53 -3.13 -13.68
CA LYS C 221 -0.10 -4.33 -13.15
C LYS C 221 0.55 -5.59 -13.71
N LYS C 222 0.96 -5.55 -14.98
CA LYS C 222 1.62 -6.69 -15.59
C LYS C 222 2.95 -6.93 -14.90
N PHE C 223 3.70 -5.85 -14.66
CA PHE C 223 4.98 -5.93 -13.97
C PHE C 223 4.76 -6.54 -12.57
N ALA C 224 3.78 -5.97 -11.86
CA ALA C 224 3.46 -6.40 -10.50
C ALA C 224 2.99 -7.84 -10.41
N ASP C 225 2.10 -8.24 -11.31
CA ASP C 225 1.56 -9.58 -11.32
C ASP C 225 2.65 -10.63 -11.55
N MET C 226 3.77 -10.22 -12.15
CA MET C 226 4.87 -11.13 -12.41
C MET C 226 5.86 -11.17 -11.26
N THR C 227 5.75 -10.22 -10.34
CA THR C 227 6.70 -10.14 -9.23
C THR C 227 6.14 -10.20 -7.80
N ASN C 228 4.91 -10.66 -7.63
CA ASN C 228 4.33 -10.77 -6.30
C ASN C 228 4.15 -9.44 -5.55
N VAL C 229 4.23 -8.33 -6.27
CA VAL C 229 4.08 -7.01 -5.64
C VAL C 229 2.59 -6.71 -5.47
N ARG C 230 2.21 -6.31 -4.27
CA ARG C 230 0.81 -6.00 -3.98
C ARG C 230 0.38 -4.61 -4.42
N ILE C 231 -0.77 -4.54 -5.10
CA ILE C 231 -1.33 -3.27 -5.56
C ILE C 231 -2.54 -3.04 -4.65
N PRO C 232 -2.48 -2.05 -3.75
CA PRO C 232 -3.62 -1.79 -2.86
C PRO C 232 -4.92 -1.60 -3.63
N ALA C 233 -6.03 -1.94 -2.98
CA ALA C 233 -7.34 -1.81 -3.59
C ALA C 233 -7.63 -0.37 -3.99
N TRP C 234 -7.28 0.58 -3.13
CA TRP C 234 -7.53 1.98 -3.44
C TRP C 234 -6.79 2.42 -4.69
N MET C 235 -5.63 1.85 -4.93
CA MET C 235 -4.85 2.20 -6.11
C MET C 235 -5.49 1.65 -7.38
N ALA C 236 -5.86 0.37 -7.35
CA ALA C 236 -6.50 -0.23 -8.52
C ALA C 236 -7.75 0.59 -8.85
N GLN C 237 -8.49 0.96 -7.79
CA GLN C 237 -9.71 1.75 -7.91
C GLN C 237 -9.40 3.12 -8.53
N MET C 238 -8.29 3.69 -8.10
CA MET C 238 -7.85 5.00 -8.59
C MET C 238 -7.59 5.03 -10.09
N PHE C 239 -7.15 3.91 -10.66
CA PHE C 239 -6.87 3.85 -12.08
C PHE C 239 -8.00 3.25 -12.92
N ASP C 240 -9.04 2.78 -12.24
CA ASP C 240 -10.18 2.19 -12.93
C ASP C 240 -10.86 3.26 -13.80
N GLY C 241 -11.17 2.88 -15.03
CA GLY C 241 -11.84 3.79 -15.95
C GLY C 241 -10.96 4.79 -16.67
N LEU C 242 -9.65 4.70 -16.50
CA LEU C 242 -8.73 5.63 -17.15
C LEU C 242 -7.90 5.02 -18.27
N ASP C 243 -8.35 3.87 -18.79
CA ASP C 243 -7.61 3.21 -19.86
C ASP C 243 -7.29 4.10 -21.06
N ASP C 244 -8.23 4.97 -21.42
CA ASP C 244 -8.03 5.86 -22.56
C ASP C 244 -7.89 7.33 -22.17
N ASP C 245 -7.43 7.58 -20.95
CA ASP C 245 -7.24 8.96 -20.48
C ASP C 245 -5.84 9.09 -19.88
N ALA C 246 -4.84 9.24 -20.75
CA ALA C 246 -3.45 9.36 -20.31
C ALA C 246 -3.19 10.55 -19.40
N GLU C 247 -3.81 11.69 -19.71
CA GLU C 247 -3.63 12.90 -18.90
C GLU C 247 -4.01 12.69 -17.43
N THR C 248 -5.17 12.10 -17.19
CA THR C 248 -5.59 11.88 -15.81
C THR C 248 -4.70 10.85 -15.12
N ARG C 249 -4.32 9.81 -15.87
CA ARG C 249 -3.46 8.77 -15.31
C ARG C 249 -2.15 9.37 -14.79
N LYS C 250 -1.58 10.28 -15.56
CA LYS C 250 -0.32 10.92 -15.16
C LYS C 250 -0.47 11.77 -13.90
N LEU C 251 -1.56 12.51 -13.81
CA LEU C 251 -1.79 13.36 -12.65
C LEU C 251 -2.06 12.50 -11.42
N VAL C 252 -2.85 11.43 -11.61
CA VAL C 252 -3.17 10.53 -10.50
C VAL C 252 -1.92 9.79 -10.02
N GLY C 253 -1.14 9.29 -10.97
CA GLY C 253 0.08 8.57 -10.65
C GLY C 253 1.14 9.43 -9.97
N ALA C 254 1.27 10.68 -10.41
CA ALA C 254 2.26 11.57 -9.80
C ALA C 254 1.88 11.84 -8.36
N ASN C 255 0.58 11.97 -8.11
CA ASN C 255 0.06 12.20 -6.77
C ASN C 255 0.44 11.03 -5.87
N ILE C 256 0.18 9.81 -6.36
CA ILE C 256 0.50 8.59 -5.61
C ILE C 256 1.99 8.55 -5.29
N ALA C 257 2.82 8.77 -6.30
CA ALA C 257 4.27 8.72 -6.12
C ALA C 257 4.78 9.81 -5.17
N MET C 258 4.28 11.03 -5.31
CA MET C 258 4.71 12.13 -4.44
C MET C 258 4.32 11.84 -3.00
N ASP C 259 3.14 11.24 -2.84
CA ASP C 259 2.64 10.88 -1.52
C ASP C 259 3.58 9.84 -0.90
N MET C 260 3.93 8.83 -1.70
CA MET C 260 4.82 7.77 -1.25
C MET C 260 6.19 8.27 -0.80
N VAL C 261 6.85 9.08 -1.62
CA VAL C 261 8.17 9.56 -1.25
C VAL C 261 8.11 10.49 -0.04
N LYS C 262 6.99 11.18 0.13
CA LYS C 262 6.83 12.08 1.27
C LYS C 262 6.88 11.25 2.56
N ILE C 263 6.10 10.19 2.60
CA ILE C 263 6.06 9.32 3.78
C ILE C 263 7.41 8.65 4.02
N LEU C 264 8.00 8.11 2.96
CA LEU C 264 9.30 7.45 3.06
C LEU C 264 10.34 8.42 3.61
N SER C 265 10.30 9.65 3.12
CA SER C 265 11.23 10.69 3.56
C SER C 265 11.02 10.96 5.05
N ARG C 266 9.76 11.01 5.46
CA ARG C 266 9.44 11.25 6.87
C ARG C 266 9.93 10.09 7.74
N GLU C 267 10.08 8.92 7.14
CA GLU C 267 10.52 7.73 7.87
C GLU C 267 12.04 7.52 7.84
N GLY C 268 12.78 8.53 7.41
CA GLY C 268 14.23 8.41 7.38
C GLY C 268 14.90 8.01 6.07
N VAL C 269 14.11 7.80 5.02
CA VAL C 269 14.70 7.43 3.73
C VAL C 269 15.34 8.66 3.09
N LYS C 270 16.61 8.54 2.71
CA LYS C 270 17.34 9.64 2.08
C LYS C 270 17.92 9.28 0.72
N ASP C 271 17.47 8.16 0.17
CA ASP C 271 17.94 7.70 -1.13
C ASP C 271 16.75 7.09 -1.87
N PHE C 272 16.55 7.50 -3.12
CA PHE C 272 15.48 6.97 -3.94
C PHE C 272 16.01 6.59 -5.31
N HIS C 273 15.55 5.45 -5.83
CA HIS C 273 15.94 4.95 -7.14
C HIS C 273 14.67 4.95 -7.99
N PHE C 274 14.65 5.73 -9.06
CA PHE C 274 13.47 5.82 -9.90
C PHE C 274 13.44 4.99 -11.18
N TYR C 275 12.37 4.21 -11.32
CA TYR C 275 12.15 3.39 -12.51
C TYR C 275 11.45 4.32 -13.49
N THR C 276 12.26 5.05 -14.26
CA THR C 276 11.76 6.04 -15.21
C THR C 276 11.09 5.49 -16.45
N LEU C 277 11.45 4.27 -16.82
CA LEU C 277 10.92 3.67 -18.04
C LEU C 277 11.22 4.61 -19.19
N ASN C 278 12.33 5.33 -19.05
CA ASN C 278 12.85 6.27 -20.05
C ASN C 278 12.11 7.59 -20.21
N ARG C 279 11.15 7.86 -19.32
CA ARG C 279 10.37 9.11 -19.37
C ARG C 279 10.82 9.95 -18.18
N ALA C 280 11.04 11.25 -18.39
CA ALA C 280 11.52 12.09 -17.30
C ALA C 280 10.50 12.93 -16.52
N GLU C 281 9.42 13.36 -17.16
CA GLU C 281 8.45 14.24 -16.50
C GLU C 281 8.06 13.85 -15.08
N MET C 282 7.54 12.65 -14.89
CA MET C 282 7.11 12.24 -13.55
C MET C 282 8.23 12.19 -12.52
N SER C 283 9.31 11.49 -12.82
CA SER C 283 10.41 11.40 -11.87
C SER C 283 11.00 12.78 -11.58
N TYR C 284 11.07 13.63 -12.60
CA TYR C 284 11.60 14.98 -12.42
C TYR C 284 10.74 15.75 -11.41
N ALA C 285 9.42 15.68 -11.58
CA ALA C 285 8.50 16.39 -10.70
C ALA C 285 8.53 15.84 -9.28
N ILE C 286 8.62 14.51 -9.16
CA ILE C 286 8.70 13.89 -7.84
C ILE C 286 9.95 14.37 -7.13
N CYS C 287 11.08 14.38 -7.83
CA CYS C 287 12.32 14.85 -7.22
C CYS C 287 12.15 16.31 -6.76
N HIS C 288 11.47 17.11 -7.58
CA HIS C 288 11.26 18.51 -7.23
C HIS C 288 10.61 18.61 -5.84
N THR C 289 9.55 17.83 -5.62
CA THR C 289 8.84 17.86 -4.34
C THR C 289 9.72 17.41 -3.18
N LEU C 290 10.76 16.63 -3.49
CA LEU C 290 11.69 16.17 -2.46
C LEU C 290 12.78 17.20 -2.23
N GLY C 291 12.75 18.30 -2.98
CA GLY C 291 13.76 19.33 -2.82
C GLY C 291 14.99 19.08 -3.67
N VAL C 292 14.91 18.10 -4.56
CA VAL C 292 16.01 17.77 -5.46
C VAL C 292 15.75 18.53 -6.75
N ARG C 293 16.47 19.63 -6.94
CA ARG C 293 16.26 20.50 -8.09
C ARG C 293 17.58 20.95 -8.74
N PRO C 294 17.51 21.48 -9.97
CA PRO C 294 18.71 21.96 -10.69
C PRO C 294 19.44 23.04 -9.90
S SO4 D . 3.31 27.87 6.47
O1 SO4 D . 3.21 29.26 5.98
O2 SO4 D . 1.96 27.37 6.78
O3 SO4 D . 3.95 27.04 5.45
O4 SO4 D . 4.12 27.85 7.70
S SO4 E . -7.75 21.53 -20.57
O1 SO4 E . -7.03 21.92 -19.35
O2 SO4 E . -8.92 22.41 -20.76
O3 SO4 E . -6.85 21.64 -21.73
O4 SO4 E . -8.21 20.13 -20.44
PA FAD F . -20.72 41.24 0.55
O1A FAD F . -21.62 42.40 0.60
O2A FAD F . -21.23 39.91 0.96
O5B FAD F . -19.42 41.53 1.41
C5B FAD F . -18.38 42.44 1.01
C4B FAD F . -17.80 43.29 2.14
O4B FAD F . -18.76 44.19 2.69
C3B FAD F . -17.24 42.45 3.29
O3B FAD F . -15.99 43.02 3.67
C2B FAD F . -18.28 42.61 4.39
O2B FAD F . -17.75 42.31 5.69
C1B FAD F . -18.77 44.05 4.12
N9A FAD F . -20.11 44.37 4.67
C8A FAD F . -21.32 43.75 4.43
N7A FAD F . -22.37 44.41 4.81
C5A FAD F . -21.82 45.58 5.36
C6A FAD F . -22.42 46.72 5.93
N6A FAD F . -23.74 46.83 6.07
N1A FAD F . -21.60 47.71 6.33
C2A FAD F . -20.28 47.56 6.20
N3A FAD F . -19.60 46.54 5.70
C4A FAD F . -20.45 45.56 5.29
N1 FAD F . -17.03 39.40 -8.75
C2 FAD F . -17.60 39.77 -9.91
O2 FAD F . -17.61 40.93 -10.32
N3 FAD F . -18.20 38.78 -10.64
C4 FAD F . -18.31 37.43 -10.31
O4 FAD F . -18.87 36.70 -11.12
C4X FAD F . -17.72 37.07 -9.07
N5 FAD F . -17.91 35.74 -8.69
C5X FAD F . -17.42 35.39 -7.44
C6 FAD F . -17.67 34.03 -7.05
C7 FAD F . -17.25 33.52 -5.81
C7M FAD F . -17.65 32.06 -5.52
C8 FAD F . -16.51 34.40 -4.88
C8M FAD F . -15.94 33.98 -3.53
C9 FAD F . -16.26 35.72 -5.27
C9A FAD F . -16.70 36.26 -6.53
N10 FAD F . -16.54 37.66 -7.02
C10 FAD F . -17.10 38.09 -8.33
C1' FAD F . -15.81 38.64 -6.21
C2' FAD F . -16.68 39.54 -5.28
O2' FAD F . -17.71 40.23 -6.04
C3' FAD F . -15.83 40.44 -4.37
O3' FAD F . -15.18 39.65 -3.37
C4' FAD F . -16.47 41.70 -3.73
O4' FAD F . -15.50 42.43 -2.97
C5' FAD F . -17.83 41.64 -2.99
O5' FAD F . -18.02 40.50 -2.14
P FAD F . -19.44 39.84 -1.63
O1P FAD F . -20.32 39.40 -2.72
O2P FAD F . -19.00 38.89 -0.58
O3P FAD F . -20.20 41.10 -0.96
PA NAI G . -10.52 38.96 -14.46
O1A NAI G . -9.12 39.12 -14.02
O2A NAI G . -10.88 39.42 -15.83
O5B NAI G . -10.95 37.42 -14.27
C5B NAI G . -11.59 36.71 -15.34
C4B NAI G . -12.11 35.37 -14.81
O4B NAI G . -11.08 34.52 -14.24
C3B NAI G . -13.14 35.54 -13.71
O3B NAI G . -14.43 35.75 -14.29
C2B NAI G . -13.09 34.22 -13.01
O2B NAI G . -13.81 33.24 -13.78
C1B NAI G . -11.60 33.86 -13.02
N9A NAI G . -10.94 34.49 -11.83
C8A NAI G . -10.29 35.67 -11.82
N7A NAI G . -9.82 35.90 -10.58
C5A NAI G . -10.19 34.87 -9.82
C6A NAI G . -10.01 34.57 -8.47
N6A NAI G . -9.33 35.40 -7.68
N1A NAI G . -10.52 33.42 -7.97
C2A NAI G . -11.19 32.57 -8.76
N3A NAI G . -11.38 32.84 -10.06
C4A NAI G . -10.89 33.99 -10.60
O3 NAI G . -11.47 39.73 -13.42
PN NAI G . -13.06 39.87 -13.69
O1N NAI G . -13.31 41.08 -14.51
O2N NAI G . -13.59 38.56 -14.17
O5D NAI G . -13.65 40.11 -12.22
C5D NAI G . -13.50 41.39 -11.58
C4D NAI G . -12.67 41.28 -10.28
O4D NAI G . -13.32 40.26 -9.43
C3D NAI G . -11.27 40.74 -10.56
O3D NAI G . -10.35 41.15 -9.56
C2D NAI G . -11.44 39.24 -10.52
O2D NAI G . -10.21 38.61 -10.13
C1D NAI G . -12.49 39.04 -9.43
N1N NAI G . -13.27 37.79 -9.60
C2N NAI G . -13.20 36.77 -8.62
C3N NAI G . -13.92 35.58 -8.80
C7N NAI G . -13.84 34.45 -7.75
O7N NAI G . -14.44 33.40 -7.91
N7N NAI G . -13.08 34.72 -6.68
C4N NAI G . -14.72 35.42 -9.94
C5N NAI G . -14.82 36.43 -10.91
C6N NAI G . -14.10 37.62 -10.75
S SO4 H . -17.50 -27.28 16.42
O1 SO4 H . -18.90 -27.39 16.87
O2 SO4 H . -16.82 -26.23 17.21
O3 SO4 H . -17.47 -26.92 15.00
O4 SO4 H . -16.82 -28.58 16.61
PA FAD I . 13.55 -31.73 20.69
O1A FAD I . 14.53 -32.87 20.77
O2A FAD I . 13.56 -30.86 19.50
O5B FAD I . 13.66 -30.82 22.01
C5B FAD I . 13.42 -31.15 23.40
C4B FAD I . 14.43 -30.61 24.43
O4B FAD I . 15.68 -31.28 24.25
C3B FAD I . 14.67 -29.10 24.26
O3B FAD I . 14.70 -28.47 25.56
C2B FAD I . 15.98 -29.05 23.48
O2B FAD I . 16.60 -27.80 23.65
C1B FAD I . 16.70 -30.29 24.10
N9A FAD I . 17.80 -30.85 23.31
C8A FAD I . 17.90 -31.19 21.99
N7A FAD I . 19.00 -31.83 21.67
C5A FAD I . 19.69 -31.90 22.89
C6A FAD I . 20.91 -32.49 23.26
N6A FAD I . 21.67 -33.16 22.38
N1A FAD I . 21.26 -32.43 24.55
C2A FAD I . 20.48 -31.83 25.44
N3A FAD I . 19.30 -31.24 25.21
C4A FAD I . 18.97 -31.32 23.89
N1 FAD I . 4.16 -34.60 21.79
C2 FAD I . 3.66 -35.84 21.70
O2 FAD I . 4.01 -36.71 22.48
N3 FAD I . 2.83 -36.04 20.62
C4 FAD I . 2.47 -35.11 19.63
O4 FAD I . 1.70 -35.49 18.76
C4X FAD I . 3.02 -33.80 19.77
N5 FAD I . 2.75 -32.88 18.76
C5X FAD I . 3.40 -31.65 18.87
C6 FAD I . 3.21 -30.72 17.79
C7 FAD I . 3.82 -29.44 17.80
C7M FAD I . 3.69 -28.55 16.53
C8 FAD I . 4.66 -29.04 18.96
C8M FAD I . 5.26 -27.65 19.19
C9 FAD I . 4.85 -29.94 19.98
C9A FAD I . 4.25 -31.26 19.97
N10 FAD I . 4.45 -32.29 21.01
C10 FAD I . 3.86 -33.62 20.88
C1' FAD I . 5.15 -32.01 22.28
C2' FAD I . 6.64 -32.38 22.27
O2' FAD I . 6.87 -33.76 21.89
C3' FAD I . 7.34 -31.96 23.57
O3' FAD I . 7.35 -30.51 23.63
C4' FAD I . 8.72 -32.62 23.80
O4' FAD I . 9.10 -32.48 25.16
C5' FAD I . 9.86 -32.20 22.90
O5' FAD I . 9.77 -32.58 21.53
P FAD I . 10.64 -31.89 20.40
O1P FAD I . 10.35 -32.62 19.15
O2P FAD I . 10.53 -30.43 20.49
O3P FAD I . 12.10 -32.32 20.97
PA NAI J . -3.48 -35.29 26.18
O1A NAI J . -3.65 -34.51 27.43
O2A NAI J . -4.26 -36.55 26.04
O5B NAI J . -3.77 -34.33 24.94
C5B NAI J . -4.78 -34.67 23.98
C4B NAI J . -4.72 -33.72 22.79
O4B NAI J . -4.98 -32.32 23.15
C3B NAI J . -3.36 -33.70 22.13
O3B NAI J . -3.26 -34.82 21.25
C2B NAI J . -3.41 -32.43 21.34
O2B NAI J . -4.16 -32.62 20.14
C1B NAI J . -4.16 -31.45 22.27
N9A NAI J . -3.15 -30.74 23.11
C8A NAI J . -2.75 -31.09 24.35
N7A NAI J . -1.81 -30.23 24.76
C5A NAI J . -1.62 -29.34 23.80
C6A NAI J . -0.79 -28.24 23.65
N6A NAI J . 0.05 -27.90 24.63
N1A NAI J . -0.83 -27.52 22.51
C2A NAI J . -1.66 -27.84 21.51
N3A NAI J . -2.48 -28.89 21.63
C4A NAI J . -2.48 -29.65 22.75
O3 NAI J . -1.92 -35.66 26.01
PN NAI J . -1.36 -36.43 24.71
O1N NAI J . -1.07 -37.85 25.05
O2N NAI J . -2.22 -36.16 23.54
O5D NAI J . 0.04 -35.67 24.47
C5D NAI J . 1.02 -35.68 25.51
C4D NAI J . 1.62 -34.30 25.72
O4D NAI J . 2.40 -33.79 24.59
C3D NAI J . 0.58 -33.23 25.98
O3D NAI J . 0.16 -33.24 27.34
C2D NAI J . 1.31 -31.96 25.67
O2D NAI J . 2.13 -31.58 26.79
C1D NAI J . 2.19 -32.33 24.48
N1N NAI J . 1.50 -32.07 23.19
C2N NAI J . 1.69 -30.83 22.53
C3N NAI J . 1.07 -30.58 21.31
C7N NAI J . 1.31 -29.26 20.57
O7N NAI J . 0.85 -29.06 19.44
N7N NAI J . 2.05 -28.37 21.22
C4N NAI J . 0.24 -31.57 20.73
C5N NAI J . 0.04 -32.80 21.37
C6N NAI J . 0.66 -33.06 22.60
S SO4 K . 8.36 12.64 -20.71
O1 SO4 K . 9.11 13.58 -19.87
O2 SO4 K . 7.32 11.97 -19.90
O3 SO4 K . 7.71 13.38 -21.82
O4 SO4 K . 9.28 11.63 -21.27
PA FAD L . 19.37 -13.66 -6.44
O1A FAD L . 20.33 -14.74 -6.74
O2A FAD L . 19.68 -12.63 -5.41
O5B FAD L . 17.92 -14.26 -6.08
C5B FAD L . 17.12 -15.17 -6.86
C4B FAD L . 16.43 -16.31 -6.07
O4B FAD L . 17.35 -17.33 -5.71
C3B FAD L . 15.79 -15.82 -4.77
O3B FAD L . 14.49 -16.44 -4.68
C2B FAD L . 16.75 -16.23 -3.71
O2B FAD L . 16.19 -16.26 -2.42
C1B FAD L . 17.24 -17.56 -4.31
N9A FAD L . 18.53 -18.03 -3.83
C8A FAD L . 19.71 -17.36 -3.66
N7A FAD L . 20.71 -18.12 -3.36
C5A FAD L . 20.15 -19.42 -3.35
C6A FAD L . 20.71 -20.70 -3.12
N6A FAD L . 22.01 -20.88 -2.90
N1A FAD L . 19.87 -21.75 -3.21
C2A FAD L . 18.59 -21.59 -3.50
N3A FAD L . 17.96 -20.44 -3.73
C4A FAD L . 18.82 -19.38 -3.64
N1 FAD L . 16.83 -8.73 -14.57
C2 FAD L . 17.37 -8.68 -15.79
O2 FAD L . 17.41 -9.65 -16.53
N3 FAD L . 17.89 -7.43 -16.13
C4 FAD L . 17.92 -6.26 -15.36
O4 FAD L . 18.44 -5.26 -15.86
C4X FAD L . 17.33 -6.40 -14.06
N5 FAD L . 17.41 -5.30 -13.19
C5X FAD L . 16.90 -5.47 -11.93
C6 FAD L . 17.04 -4.37 -11.02
C7 FAD L . 16.50 -4.39 -9.71
C7M FAD L . 16.79 -3.20 -8.79
C8 FAD L . 15.74 -5.57 -9.27
C8M FAD L . 14.96 -5.68 -7.95
C9 FAD L . 15.61 -6.65 -10.14
C9A FAD L . 16.18 -6.64 -11.48
N10 FAD L . 16.16 -7.76 -12.43
C10 FAD L . 16.80 -7.65 -13.75
C1' FAD L . 15.33 -8.95 -12.18
C2' FAD L . 16.14 -10.07 -11.53
O2' FAD L . 17.23 -10.48 -12.42
C3' FAD L . 15.20 -11.25 -11.10
O3' FAD L . 14.49 -10.88 -9.89
C4' FAD L . 15.97 -12.59 -10.91
O4' FAD L . 15.02 -13.67 -10.99
C5' FAD L . 16.78 -12.68 -9.65
O5' FAD L . 17.89 -11.77 -9.53
P FAD L . 18.64 -11.49 -8.21
O1P FAD L . 19.85 -10.69 -8.54
O2P FAD L . 17.73 -10.98 -7.19
O3P FAD L . 19.09 -12.98 -7.86
PA NAI M . 10.37 -6.57 -20.26
O1A NAI M . 8.92 -6.65 -19.99
O2A NAI M . 10.83 -6.66 -21.67
O5B NAI M . 10.96 -5.22 -19.58
C5B NAI M . 11.58 -4.21 -20.39
C4B NAI M . 12.07 -3.07 -19.51
O4B NAI M . 11.01 -2.43 -18.72
C3B NAI M . 13.11 -3.50 -18.48
O3B NAI M . 14.40 -3.49 -19.09
C2B NAI M . 13.02 -2.42 -17.45
O2B NAI M . 13.71 -1.25 -17.90
C1B NAI M . 11.52 -2.12 -17.37
N9A NAI M . 10.89 -3.06 -16.39
C8A NAI M . 10.31 -4.24 -16.69
N7A NAI M . 9.87 -4.80 -15.55
C5A NAI M . 10.16 -3.98 -14.54
C6A NAI M . 9.95 -4.03 -13.17
N6A NAI M . 9.34 -5.08 -12.63
N1A NAI M . 10.39 -3.01 -12.39
C2A NAI M . 11.01 -1.95 -12.94
N3A NAI M . 11.21 -1.88 -14.25
C4A NAI M . 10.81 -2.88 -15.08
O3 NAI M . 11.10 -7.75 -19.43
PN NAI M . 12.67 -8.10 -19.67
O1N NAI M . 12.76 -9.31 -20.52
O2N NAI M . 13.40 -6.88 -20.08
O5D NAI M . 13.15 -8.49 -18.19
C5D NAI M . 13.14 -9.86 -17.76
C4D NAI M . 12.54 -10.01 -16.35
O4D NAI M . 13.32 -9.15 -15.44
C3D NAI M . 11.11 -9.48 -16.32
O3D NAI M . 10.33 -10.20 -15.35
C2D NAI M . 11.25 -8.05 -15.89
O2D NAI M . 10.08 -7.60 -15.21
C1D NAI M . 12.43 -8.10 -14.93
N1N NAI M . 13.09 -6.79 -14.71
C2N NAI M . 12.94 -6.14 -13.47
C3N NAI M . 13.55 -4.89 -13.27
C7N NAI M . 13.41 -4.18 -11.91
O7N NAI M . 13.89 -3.06 -11.73
N7N NAI M . 12.75 -4.86 -10.98
C4N NAI M . 14.29 -4.29 -14.30
C5N NAI M . 14.44 -4.94 -15.54
C6N NAI M . 13.84 -6.19 -15.76
#